data_3PBL
#
_entry.id   3PBL
#
_cell.length_a   88.828
_cell.length_b   92.492
_cell.length_c   176.116
_cell.angle_alpha   90.00
_cell.angle_beta   90.00
_cell.angle_gamma   90.00
#
_symmetry.space_group_name_H-M   'P 21 21 21'
#
loop_
_entity.id
_entity.type
_entity.pdbx_description
1 polymer 'D(3) dopamine receptor, Lysozyme chimera'
2 branched alpha-D-glucopyranose-(1-4)-alpha-D-glucopyranose
3 non-polymer 3-chloro-5-ethyl-N-{[(2S)-1-ethylpyrrolidin-2-yl]methyl}-6-hydroxy-2-methoxybenzamide
#
_entity_poly.entity_id   1
_entity_poly.type   'polypeptide(L)'
_entity_poly.pdbx_seq_one_letter_code
;DYKDDDDGAPASLSQLSSHLNYTCGAENSTGASQARPHAYYALSYCALILAIVFGNGLVCMAVLKERALQTTTNYLVVSL
AVADLLVATLVMPWVVYLEVTGGVWNFSRICCDVFVTLDVMMCTASIWNLCAISIDRYTAVVMPVHYQHGTGQSSCRRVA
LMITAVWVLAFAVSCPLLFGFNTTGDPTVCSISNPDFVIYSSVVSFYLPFGVTVLVYARIYVVLKQRRRKNIFEMLRIDE
GLRLKIYKDTEGYYTIGIGHLLTKSPSLNAAKSELDKAIGRNTNGVITKDEAEKLFNQDVDAAVRGILRNAKLKPVYDSL
DAVRRAALINMVFQMGETGVAGFTNSLRMLQQKRWDEAAVNLAKSRWYNQTPNRAKRVITTFRTGTWDAYGVPLREKKAT
QMVAIVLGAFIVCWLPFFLTHVLNTHCQTCHVSPELYSATTWLGYVNSALNPVIYTTFNIEFRKAFLKILSCGRPLEVLF
Q
;
_entity_poly.pdbx_strand_id   A,B
#
# COMPACT_ATOMS: atom_id res chain seq x y z
N TYR A 41 19.68 -15.65 29.79
CA TYR A 41 19.82 -15.86 28.36
C TYR A 41 21.26 -15.72 27.94
N ALA A 42 22.16 -16.44 28.60
CA ALA A 42 23.58 -16.24 28.40
C ALA A 42 24.24 -17.16 27.39
N LEU A 43 24.15 -18.45 27.64
CA LEU A 43 24.69 -19.41 26.73
C LEU A 43 23.54 -19.85 25.89
N SER A 44 22.34 -19.61 26.39
CA SER A 44 21.18 -20.02 25.61
C SER A 44 21.27 -19.53 24.17
N TYR A 45 21.52 -18.24 24.01
CA TYR A 45 21.62 -17.61 22.68
C TYR A 45 22.69 -18.28 21.79
N CYS A 46 23.83 -18.59 22.37
CA CYS A 46 24.90 -19.25 21.63
C CYS A 46 24.46 -20.63 21.14
N ALA A 47 23.69 -21.34 21.95
CA ALA A 47 23.09 -22.62 21.54
C ALA A 47 22.21 -22.41 20.32
N LEU A 48 21.34 -21.41 20.40
CA LEU A 48 20.44 -21.09 19.31
C LEU A 48 21.24 -20.70 18.07
N ILE A 49 22.27 -19.87 18.26
CA ILE A 49 23.16 -19.47 17.18
C ILE A 49 23.62 -20.64 16.34
N LEU A 50 24.13 -21.68 16.99
CA LEU A 50 24.61 -22.86 16.26
C LEU A 50 23.43 -23.64 15.66
N ALA A 51 22.36 -23.81 16.44
CA ALA A 51 21.15 -24.49 15.95
C ALA A 51 20.66 -23.93 14.61
N ILE A 52 20.73 -22.62 14.46
CA ILE A 52 20.30 -21.94 13.24
C ILE A 52 21.25 -22.14 12.06
N VAL A 53 22.53 -21.94 12.29
CA VAL A 53 23.53 -22.16 11.23
C VAL A 53 23.61 -23.64 10.86
N PHE A 54 23.24 -24.51 11.79
CA PHE A 54 23.21 -25.96 11.55
C PHE A 54 22.04 -26.34 10.63
N GLY A 55 20.81 -26.13 11.10
CA GLY A 55 19.63 -26.58 10.37
C GLY A 55 19.47 -25.97 8.98
N ASN A 56 19.52 -24.63 8.93
CA ASN A 56 19.33 -23.89 7.68
C ASN A 56 20.58 -23.99 6.77
N GLY A 57 21.71 -24.33 7.37
CA GLY A 57 22.91 -24.68 6.62
C GLY A 57 22.71 -26.00 5.90
N LEU A 58 21.95 -26.91 6.52
CA LEU A 58 21.57 -28.17 5.88
C LEU A 58 20.52 -27.93 4.82
N VAL A 59 19.43 -27.28 5.20
CA VAL A 59 18.34 -26.97 4.26
C VAL A 59 18.88 -26.50 2.92
N CYS A 60 19.87 -25.63 2.95
CA CYS A 60 20.52 -25.15 1.72
C CYS A 60 21.32 -26.26 1.06
N MET A 61 22.10 -26.99 1.84
CA MET A 61 22.88 -28.11 1.32
C MET A 61 22.01 -29.14 0.59
N ALA A 62 20.83 -29.42 1.14
CA ALA A 62 19.94 -30.44 0.59
C ALA A 62 19.47 -30.07 -0.81
N VAL A 63 18.91 -28.87 -0.93
CA VAL A 63 18.36 -28.36 -2.20
C VAL A 63 19.40 -28.24 -3.30
N LEU A 64 20.52 -27.60 -2.98
CA LEU A 64 21.58 -27.38 -3.95
C LEU A 64 22.11 -28.70 -4.53
N LYS A 65 22.17 -29.74 -3.69
CA LYS A 65 22.69 -31.06 -4.12
C LYS A 65 21.60 -31.99 -4.68
N GLU A 66 20.50 -32.16 -3.95
CA GLU A 66 19.45 -33.11 -4.31
C GLU A 66 18.63 -32.66 -5.53
N ARG A 67 18.73 -33.41 -6.63
CA ARG A 67 17.99 -33.13 -7.88
C ARG A 67 16.49 -32.96 -7.64
N ALA A 68 15.92 -33.93 -6.92
CA ALA A 68 14.49 -33.95 -6.64
C ALA A 68 14.00 -32.67 -5.95
N LEU A 69 14.78 -32.17 -5.00
CA LEU A 69 14.37 -31.02 -4.19
C LEU A 69 14.49 -29.67 -4.89
N GLN A 70 14.95 -29.65 -6.14
CA GLN A 70 15.15 -28.40 -6.88
C GLN A 70 13.87 -27.85 -7.55
N THR A 71 12.85 -27.56 -6.74
CA THR A 71 11.58 -27.01 -7.25
C THR A 71 11.41 -25.56 -6.82
N THR A 72 10.52 -24.84 -7.50
CA THR A 72 10.30 -23.41 -7.22
C THR A 72 9.96 -23.12 -5.76
N THR A 73 9.11 -23.96 -5.17
CA THR A 73 8.79 -23.81 -3.76
C THR A 73 10.07 -23.84 -2.95
N ASN A 74 10.83 -24.91 -3.12
CA ASN A 74 12.03 -25.09 -2.33
C ASN A 74 13.01 -23.94 -2.51
N TYR A 75 13.25 -23.52 -3.75
CA TYR A 75 14.13 -22.37 -4.01
C TYR A 75 13.77 -21.13 -3.19
N LEU A 76 12.47 -20.90 -2.94
CA LEU A 76 12.04 -19.82 -2.04
C LEU A 76 12.31 -20.21 -0.60
N VAL A 77 12.24 -21.50 -0.31
CA VAL A 77 12.61 -21.98 1.03
C VAL A 77 14.09 -21.73 1.32
N VAL A 78 14.94 -21.87 0.29
CA VAL A 78 16.35 -21.54 0.42
C VAL A 78 16.53 -20.09 0.86
N SER A 79 15.94 -19.16 0.11
CA SER A 79 16.11 -17.74 0.45
C SER A 79 15.59 -17.46 1.86
N LEU A 80 14.51 -18.11 2.25
CA LEU A 80 13.99 -17.98 3.62
C LEU A 80 14.99 -18.56 4.62
N ALA A 81 15.64 -19.65 4.23
CA ALA A 81 16.72 -20.23 5.03
C ALA A 81 17.92 -19.29 5.10
N VAL A 82 18.18 -18.54 4.03
CA VAL A 82 19.26 -17.54 4.01
C VAL A 82 18.96 -16.37 4.95
N ALA A 83 17.69 -15.98 5.05
CA ALA A 83 17.28 -14.92 6.00
C ALA A 83 17.62 -15.28 7.44
N ASP A 84 17.64 -16.58 7.71
CA ASP A 84 17.90 -17.07 9.05
C ASP A 84 19.40 -17.29 9.26
N LEU A 85 20.10 -17.69 8.20
CA LEU A 85 21.55 -17.83 8.28
C LEU A 85 22.21 -16.48 8.53
N LEU A 86 21.79 -15.45 7.82
CA LEU A 86 22.34 -14.11 8.06
C LEU A 86 22.04 -13.64 9.48
N VAL A 87 20.78 -13.72 9.90
CA VAL A 87 20.39 -13.36 11.27
C VAL A 87 21.32 -13.97 12.32
N ALA A 88 21.66 -15.25 12.15
CA ALA A 88 22.52 -15.95 13.13
C ALA A 88 23.99 -15.52 13.09
N THR A 89 24.43 -14.96 11.96
CA THR A 89 25.85 -14.61 11.76
C THR A 89 26.15 -13.10 11.69
N LEU A 90 25.14 -12.26 11.48
CA LEU A 90 25.35 -10.81 11.39
C LEU A 90 24.54 -9.97 12.39
N VAL A 91 23.54 -10.57 13.03
CA VAL A 91 22.68 -9.85 13.97
C VAL A 91 22.77 -10.39 15.40
N MET A 92 22.70 -11.71 15.54
CA MET A 92 22.62 -12.31 16.87
C MET A 92 23.93 -12.24 17.68
N PRO A 93 25.09 -12.11 17.02
CA PRO A 93 26.30 -11.88 17.82
C PRO A 93 26.20 -10.59 18.62
N TRP A 94 25.62 -9.56 18.02
CA TRP A 94 25.43 -8.29 18.68
C TRP A 94 24.34 -8.41 19.75
N VAL A 95 23.30 -9.18 19.47
CA VAL A 95 22.27 -9.47 20.47
C VAL A 95 22.87 -10.17 21.69
N VAL A 96 23.89 -11.00 21.45
CA VAL A 96 24.58 -11.68 22.54
C VAL A 96 25.52 -10.73 23.30
N TYR A 97 26.02 -9.69 22.63
CA TYR A 97 26.85 -8.68 23.29
C TYR A 97 26.01 -7.78 24.20
N LEU A 98 24.88 -7.27 23.69
CA LEU A 98 23.97 -6.44 24.49
C LEU A 98 23.34 -7.21 25.64
N GLU A 99 23.36 -8.53 25.57
CA GLU A 99 22.88 -9.38 26.67
C GLU A 99 23.92 -9.48 27.79
N VAL A 100 25.20 -9.57 27.44
CA VAL A 100 26.29 -9.66 28.44
C VAL A 100 26.36 -8.39 29.30
N THR A 101 26.33 -7.23 28.63
CA THR A 101 26.10 -5.95 29.29
C THR A 101 24.62 -5.84 29.64
N GLY A 102 24.25 -4.92 30.52
CA GLY A 102 22.84 -4.76 30.90
C GLY A 102 22.00 -3.96 29.91
N GLY A 103 22.40 -3.97 28.64
CA GLY A 103 21.76 -3.15 27.60
C GLY A 103 22.55 -1.90 27.27
N VAL A 104 23.88 -2.00 27.38
CA VAL A 104 24.78 -0.88 27.12
C VAL A 104 25.62 -1.14 25.87
N TRP A 105 25.68 -0.14 24.99
CA TRP A 105 26.29 -0.28 23.67
C TRP A 105 27.50 0.64 23.57
N ASN A 106 28.70 0.04 23.57
CA ASN A 106 29.95 0.79 23.56
C ASN A 106 30.54 1.01 22.16
N PHE A 107 29.92 0.42 21.13
CA PHE A 107 30.42 0.54 19.75
C PHE A 107 29.83 1.75 19.01
N SER A 108 30.45 2.08 17.89
CA SER A 108 30.06 3.24 17.08
C SER A 108 28.58 3.26 16.78
N ARG A 109 27.99 4.45 16.74
CA ARG A 109 26.58 4.60 16.36
C ARG A 109 26.32 4.06 14.95
N ILE A 110 27.32 4.17 14.08
CA ILE A 110 27.26 3.62 12.73
C ILE A 110 27.15 2.09 12.79
N CYS A 111 27.86 1.49 13.74
CA CYS A 111 27.81 0.03 13.94
C CYS A 111 26.50 -0.43 14.58
N CYS A 112 25.82 0.48 15.29
CA CYS A 112 24.48 0.19 15.82
C CYS A 112 23.43 0.23 14.71
N ASP A 113 23.54 1.21 13.82
CA ASP A 113 22.60 1.37 12.70
C ASP A 113 22.60 0.12 11.83
N VAL A 114 23.78 -0.27 11.35
CA VAL A 114 23.97 -1.52 10.60
C VAL A 114 23.30 -2.68 11.30
N PHE A 115 23.64 -2.86 12.58
CA PHE A 115 23.07 -3.93 13.41
C PHE A 115 21.55 -3.90 13.44
N VAL A 116 20.97 -2.74 13.69
CA VAL A 116 19.50 -2.65 13.76
C VAL A 116 18.86 -2.80 12.37
N THR A 117 19.42 -2.23 11.31
CA THR A 117 18.77 -2.36 10.01
C THR A 117 18.75 -3.83 9.57
N LEU A 118 19.90 -4.48 9.63
CA LEU A 118 19.98 -5.90 9.31
C LEU A 118 18.89 -6.69 10.04
N ASP A 119 18.79 -6.50 11.35
CA ASP A 119 17.72 -7.15 12.13
C ASP A 119 16.32 -6.90 11.54
N VAL A 120 16.05 -5.68 11.10
CA VAL A 120 14.78 -5.38 10.44
C VAL A 120 14.69 -6.05 9.06
N MET A 121 15.80 -6.02 8.32
CA MET A 121 15.82 -6.49 6.94
C MET A 121 15.58 -7.97 6.86
N MET A 122 16.27 -8.75 7.69
CA MET A 122 16.06 -10.20 7.67
C MET A 122 14.62 -10.49 8.04
N CYS A 123 14.13 -9.94 9.14
CA CYS A 123 12.76 -10.22 9.55
C CYS A 123 11.75 -9.80 8.49
N THR A 124 12.02 -8.68 7.81
CA THR A 124 11.19 -8.27 6.66
C THR A 124 11.29 -9.27 5.51
N ALA A 125 12.51 -9.71 5.21
CA ALA A 125 12.72 -10.72 4.18
C ALA A 125 11.95 -12.02 4.50
N SER A 126 11.92 -12.40 5.78
CA SER A 126 11.29 -13.66 6.18
C SER A 126 9.81 -13.63 5.88
N ILE A 127 9.10 -12.72 6.54
CA ILE A 127 7.66 -12.66 6.42
C ILE A 127 7.24 -12.54 4.95
N TRP A 128 8.00 -11.79 4.16
CA TRP A 128 7.65 -11.55 2.75
C TRP A 128 7.90 -12.78 1.87
N ASN A 129 9.07 -13.42 2.00
CA ASN A 129 9.28 -14.76 1.41
C ASN A 129 8.11 -15.65 1.75
N LEU A 130 7.81 -15.72 3.04
CA LEU A 130 6.72 -16.56 3.53
C LEU A 130 5.45 -16.28 2.77
N CYS A 131 5.18 -15.02 2.48
CA CYS A 131 4.06 -14.62 1.65
C CYS A 131 4.24 -15.02 0.18
N ALA A 132 5.46 -14.90 -0.34
CA ALA A 132 5.76 -15.31 -1.72
C ALA A 132 5.41 -16.77 -1.92
N ILE A 133 5.82 -17.60 -0.96
CA ILE A 133 5.45 -19.01 -0.91
C ILE A 133 3.94 -19.22 -0.86
N SER A 134 3.24 -18.45 -0.01
CA SER A 134 1.79 -18.57 0.11
C SER A 134 1.11 -18.47 -1.22
N ILE A 135 1.50 -17.45 -1.99
CA ILE A 135 0.94 -17.25 -3.33
C ILE A 135 1.35 -18.40 -4.23
N ASP A 136 2.60 -18.85 -4.09
CA ASP A 136 3.09 -20.00 -4.87
C ASP A 136 2.20 -21.22 -4.69
N ARG A 137 1.78 -21.50 -3.46
CA ARG A 137 0.88 -22.62 -3.22
C ARG A 137 -0.51 -22.31 -3.78
N TYR A 138 -1.04 -21.13 -3.50
CA TYR A 138 -2.32 -20.69 -4.07
C TYR A 138 -2.41 -21.01 -5.56
N THR A 139 -1.33 -20.80 -6.31
CA THR A 139 -1.37 -21.12 -7.74
C THR A 139 -1.28 -22.62 -8.00
N ALA A 140 -0.44 -23.32 -7.23
CA ALA A 140 -0.38 -24.78 -7.34
C ALA A 140 -1.69 -25.47 -6.95
N VAL A 141 -2.55 -24.78 -6.20
CA VAL A 141 -3.84 -25.33 -5.77
C VAL A 141 -4.99 -24.95 -6.69
N VAL A 142 -5.08 -23.66 -7.02
CA VAL A 142 -6.12 -23.16 -7.92
C VAL A 142 -5.91 -23.63 -9.37
N MET A 143 -4.67 -23.57 -9.84
CA MET A 143 -4.34 -23.91 -11.23
C MET A 143 -3.29 -25.01 -11.28
N PRO A 144 -3.65 -26.24 -10.86
CA PRO A 144 -2.67 -27.29 -10.59
C PRO A 144 -2.06 -27.92 -11.83
N VAL A 145 -2.86 -28.06 -12.90
CA VAL A 145 -2.41 -28.67 -14.15
C VAL A 145 -1.45 -27.77 -14.89
N HIS A 146 -1.67 -26.46 -14.76
CA HIS A 146 -0.79 -25.44 -15.33
C HIS A 146 0.47 -25.19 -14.48
N TYR A 147 0.34 -25.28 -13.16
CA TYR A 147 1.49 -25.13 -12.25
C TYR A 147 2.58 -26.14 -12.53
N GLN A 148 2.21 -27.41 -12.71
CA GLN A 148 3.17 -28.48 -13.00
C GLN A 148 3.92 -28.25 -14.32
N HIS A 149 3.23 -27.68 -15.30
CA HIS A 149 3.80 -27.37 -16.61
C HIS A 149 4.75 -26.18 -16.55
N GLY A 150 4.33 -25.13 -15.84
CA GLY A 150 5.12 -23.89 -15.70
C GLY A 150 6.18 -23.89 -14.61
N THR A 151 6.36 -25.03 -13.93
CA THR A 151 7.53 -25.26 -13.07
C THR A 151 8.55 -26.16 -13.79
N GLY A 152 8.06 -26.93 -14.76
CA GLY A 152 8.91 -27.76 -15.63
C GLY A 152 9.21 -27.00 -16.92
N GLN A 153 10.06 -25.99 -16.81
CA GLN A 153 10.61 -25.24 -17.97
C GLN A 153 11.56 -24.14 -17.43
N SER A 154 11.92 -23.16 -18.26
CA SER A 154 12.82 -22.06 -17.86
C SER A 154 12.00 -21.19 -16.90
N SER A 155 11.85 -21.68 -15.67
CA SER A 155 10.97 -21.09 -14.65
C SER A 155 11.87 -20.53 -13.55
N CYS A 156 13.11 -20.18 -13.92
CA CYS A 156 14.04 -19.58 -12.96
C CYS A 156 13.99 -18.05 -13.06
N ARG A 157 13.86 -17.53 -14.28
CA ARG A 157 13.72 -16.07 -14.47
C ARG A 157 12.45 -15.47 -13.83
N ARG A 158 11.56 -16.32 -13.30
CA ARG A 158 10.48 -15.88 -12.43
C ARG A 158 10.96 -15.91 -11.00
N VAL A 159 11.37 -17.09 -10.54
CA VAL A 159 11.91 -17.28 -9.18
C VAL A 159 12.95 -16.20 -8.84
N ALA A 160 13.88 -15.96 -9.77
CA ALA A 160 14.83 -14.87 -9.65
C ALA A 160 14.10 -13.61 -9.24
N LEU A 161 13.10 -13.25 -10.05
CA LEU A 161 12.38 -12.00 -9.90
C LEU A 161 11.58 -11.91 -8.60
N MET A 162 11.11 -13.06 -8.11
CA MET A 162 10.40 -13.11 -6.82
C MET A 162 11.37 -12.95 -5.66
N ILE A 163 12.47 -13.68 -5.68
CA ILE A 163 13.46 -13.59 -4.61
C ILE A 163 13.98 -12.16 -4.59
N THR A 164 14.43 -11.67 -5.74
CA THR A 164 14.88 -10.29 -5.89
C THR A 164 13.92 -9.33 -5.25
N ALA A 165 12.66 -9.38 -5.67
CA ALA A 165 11.63 -8.47 -5.17
C ALA A 165 11.68 -8.47 -3.68
N VAL A 166 11.52 -9.66 -3.11
CA VAL A 166 11.41 -9.83 -1.68
C VAL A 166 12.58 -9.20 -0.93
N TRP A 167 13.79 -9.40 -1.44
CA TRP A 167 14.98 -8.82 -0.79
C TRP A 167 15.04 -7.31 -0.96
N VAL A 168 14.73 -6.81 -2.16
CA VAL A 168 14.80 -5.38 -2.40
C VAL A 168 13.74 -4.66 -1.57
N LEU A 169 12.56 -5.25 -1.48
CA LEU A 169 11.53 -4.77 -0.54
C LEU A 169 12.03 -4.86 0.88
N ALA A 170 12.78 -5.92 1.18
CA ALA A 170 13.40 -6.10 2.48
C ALA A 170 14.32 -4.95 2.80
N PHE A 171 15.18 -4.62 1.86
CA PHE A 171 16.19 -3.63 2.13
C PHE A 171 15.53 -2.27 2.29
N ALA A 172 14.77 -1.83 1.28
CA ALA A 172 14.19 -0.51 1.28
C ALA A 172 13.48 -0.21 2.62
N VAL A 173 12.77 -1.19 3.15
CA VAL A 173 12.08 -1.03 4.43
C VAL A 173 13.01 -0.75 5.60
N SER A 174 14.21 -1.32 5.56
CA SER A 174 15.21 -1.23 6.64
C SER A 174 16.18 -0.07 6.51
N CYS A 175 16.37 0.41 5.29
CA CYS A 175 17.46 1.35 5.03
C CYS A 175 17.30 2.72 5.73
N PRO A 176 16.07 3.15 6.08
CA PRO A 176 15.99 4.44 6.76
C PRO A 176 16.80 4.53 8.05
N LEU A 177 16.86 3.43 8.79
CA LEU A 177 17.63 3.37 10.04
C LEU A 177 19.10 3.69 9.78
N LEU A 178 19.55 3.27 8.59
CA LEU A 178 20.92 3.47 8.14
C LEU A 178 21.24 4.95 7.86
N PHE A 179 20.23 5.69 7.41
CA PHE A 179 20.40 7.11 7.08
C PHE A 179 19.73 8.04 8.10
N GLY A 180 19.87 7.67 9.39
CA GLY A 180 19.62 8.58 10.50
C GLY A 180 18.40 8.32 11.36
N PHE A 181 17.46 7.51 10.89
CA PHE A 181 16.19 7.32 11.60
C PHE A 181 16.27 6.41 12.82
N ASN A 182 17.47 5.90 13.09
CA ASN A 182 17.72 5.21 14.34
C ASN A 182 18.15 6.26 15.36
N THR A 183 17.16 6.96 15.90
CA THR A 183 17.40 7.99 16.91
C THR A 183 17.11 7.42 18.30
N THR A 184 18.01 7.68 19.25
CA THR A 184 17.77 7.32 20.66
C THR A 184 18.13 8.51 21.53
N GLY A 185 17.73 8.44 22.80
CA GLY A 185 17.99 9.52 23.77
C GLY A 185 19.31 9.39 24.51
N ASP A 186 20.09 8.36 24.18
CA ASP A 186 21.38 8.12 24.81
C ASP A 186 22.18 7.16 23.94
N PRO A 187 23.46 7.50 23.67
CA PRO A 187 24.28 6.70 22.74
C PRO A 187 24.61 5.28 23.19
N THR A 188 24.54 5.01 24.50
CA THR A 188 24.79 3.66 25.01
C THR A 188 23.58 2.74 24.84
N VAL A 189 22.41 3.32 24.56
CA VAL A 189 21.19 2.56 24.25
C VAL A 189 21.05 2.45 22.74
N CYS A 190 21.22 1.23 22.23
CA CYS A 190 21.07 0.91 20.79
C CYS A 190 19.79 0.11 20.56
N SER A 191 18.75 0.79 20.10
CA SER A 191 17.46 0.15 19.88
C SER A 191 16.56 1.03 19.01
N ILE A 192 15.54 0.41 18.41
CA ILE A 192 14.56 1.15 17.62
C ILE A 192 13.61 1.81 18.59
N SER A 193 13.79 3.11 18.77
CA SER A 193 12.97 3.92 19.67
C SER A 193 12.12 4.97 18.93
N ASN A 194 12.22 5.04 17.60
CA ASN A 194 11.51 6.08 16.84
C ASN A 194 10.02 5.79 16.69
N PRO A 195 9.14 6.68 17.22
CA PRO A 195 7.69 6.47 17.21
C PRO A 195 7.05 6.31 15.83
N ASP A 196 7.53 7.06 14.85
CA ASP A 196 7.00 6.97 13.49
C ASP A 196 7.48 5.69 12.81
N PHE A 197 8.79 5.47 12.71
CA PHE A 197 9.33 4.27 12.06
C PHE A 197 8.70 2.97 12.56
N VAL A 198 8.56 2.85 13.87
CA VAL A 198 8.00 1.64 14.52
C VAL A 198 6.61 1.30 13.99
N ILE A 199 5.76 2.32 13.84
CA ILE A 199 4.44 2.12 13.28
C ILE A 199 4.57 1.65 11.84
N TYR A 200 5.38 2.35 11.06
CA TYR A 200 5.61 2.05 9.65
C TYR A 200 6.03 0.60 9.49
N SER A 201 7.13 0.23 10.13
CA SER A 201 7.67 -1.10 9.97
C SER A 201 6.65 -2.15 10.35
N SER A 202 6.03 -1.98 11.51
CA SER A 202 4.99 -2.91 11.99
C SER A 202 3.93 -3.23 10.92
N VAL A 203 3.44 -2.20 10.25
CA VAL A 203 2.54 -2.40 9.10
C VAL A 203 3.25 -3.15 7.97
N VAL A 204 4.31 -2.55 7.41
CA VAL A 204 4.97 -3.13 6.24
C VAL A 204 5.71 -4.43 6.55
N SER A 205 6.30 -4.56 7.73
CA SER A 205 7.06 -5.76 8.08
C SER A 205 6.00 -6.83 8.33
N PHE A 206 5.09 -6.61 9.27
CA PHE A 206 4.11 -7.64 9.54
C PHE A 206 2.65 -7.60 9.10
N TYR A 207 1.92 -6.62 9.59
CA TYR A 207 0.47 -6.66 9.43
C TYR A 207 -0.01 -6.65 7.98
N LEU A 208 0.82 -6.23 7.04
CA LEU A 208 0.46 -6.30 5.64
C LEU A 208 0.77 -7.66 5.03
N PRO A 209 2.04 -8.09 5.01
CA PRO A 209 2.27 -9.40 4.42
C PRO A 209 1.54 -10.53 5.15
N PHE A 210 1.31 -10.37 6.45
CA PHE A 210 0.53 -11.33 7.25
C PHE A 210 -0.93 -11.36 6.80
N GLY A 211 -1.49 -10.18 6.62
CA GLY A 211 -2.83 -10.03 6.07
C GLY A 211 -2.99 -10.59 4.67
N VAL A 212 -1.97 -10.44 3.84
CA VAL A 212 -2.02 -11.04 2.52
C VAL A 212 -2.11 -12.56 2.67
N THR A 213 -1.09 -13.14 3.30
CA THR A 213 -1.00 -14.61 3.42
C THR A 213 -2.20 -15.22 4.10
N VAL A 214 -2.76 -14.54 5.10
CA VAL A 214 -3.92 -15.06 5.81
C VAL A 214 -5.11 -15.12 4.87
N LEU A 215 -5.25 -14.12 4.01
CA LEU A 215 -6.38 -14.11 3.09
C LEU A 215 -6.12 -15.02 1.87
N VAL A 216 -4.85 -15.19 1.49
CA VAL A 216 -4.49 -16.22 0.53
C VAL A 216 -4.85 -17.60 1.07
N TYR A 217 -4.37 -17.91 2.27
CA TYR A 217 -4.65 -19.21 2.87
C TYR A 217 -6.12 -19.41 3.22
N ALA A 218 -6.85 -18.33 3.46
CA ALA A 218 -8.30 -18.42 3.56
C ALA A 218 -8.81 -19.09 2.30
N ARG A 219 -8.40 -18.58 1.15
CA ARG A 219 -8.86 -19.10 -0.14
C ARG A 219 -8.34 -20.50 -0.43
N ILE A 220 -7.15 -20.83 0.04
CA ILE A 220 -6.64 -22.18 -0.16
C ILE A 220 -7.56 -23.17 0.51
N TYR A 221 -8.00 -22.85 1.72
CA TYR A 221 -8.93 -23.69 2.47
C TYR A 221 -10.23 -23.82 1.70
N VAL A 222 -10.80 -22.68 1.31
CA VAL A 222 -12.09 -22.67 0.62
C VAL A 222 -12.11 -23.62 -0.57
N VAL A 223 -11.01 -23.65 -1.32
CA VAL A 223 -10.90 -24.47 -2.54
C VAL A 223 -10.74 -25.96 -2.22
N LEU A 224 -9.79 -26.30 -1.36
CA LEU A 224 -9.55 -27.69 -0.96
C LEU A 224 -10.72 -28.28 -0.16
N LYS A 225 -11.43 -27.45 0.57
CA LYS A 225 -12.64 -27.88 1.25
C LYS A 225 -13.76 -28.15 0.24
N GLN A 226 -13.74 -27.40 -0.88
CA GLN A 226 -14.75 -27.54 -1.93
C GLN A 226 -14.29 -28.56 -2.99
N ARG A 227 -14.36 -29.83 -2.61
CA ARG A 227 -13.96 -30.94 -3.46
C ARG A 227 -15.09 -31.32 -4.41
N ARG A 228 -15.29 -30.47 -5.42
CA ARG A 228 -16.23 -30.79 -6.49
C ARG A 228 -15.56 -31.76 -7.46
N ARG A 229 -16.25 -32.86 -7.75
CA ARG A 229 -15.80 -33.84 -8.72
C ARG A 229 -15.65 -33.15 -10.09
N LYS A 230 -14.97 -33.81 -11.01
CA LYS A 230 -14.84 -33.31 -12.36
C LYS A 230 -15.65 -34.17 -13.33
N ASN A 231 -15.87 -33.59 -14.50
CA ASN A 231 -16.66 -34.21 -15.56
C ASN A 231 -16.02 -33.91 -16.92
N ILE A 232 -16.69 -34.27 -18.01
CA ILE A 232 -16.15 -34.07 -19.35
C ILE A 232 -15.92 -32.59 -19.67
N PHE A 233 -16.74 -31.74 -19.05
CA PHE A 233 -16.72 -30.32 -19.39
C PHE A 233 -15.52 -29.64 -18.77
N GLU A 234 -15.35 -29.83 -17.46
CA GLU A 234 -14.18 -29.29 -16.76
C GLU A 234 -12.88 -29.93 -17.24
N MET A 235 -12.95 -31.19 -17.67
CA MET A 235 -11.78 -31.85 -18.25
C MET A 235 -11.28 -31.09 -19.45
N LEU A 236 -12.13 -30.94 -20.46
CA LEU A 236 -11.70 -30.32 -21.71
C LEU A 236 -11.34 -28.83 -21.54
N ARG A 237 -12.02 -28.14 -20.63
CA ARG A 237 -11.64 -26.77 -20.29
C ARG A 237 -10.14 -26.74 -19.99
N ILE A 238 -9.70 -27.62 -19.10
CA ILE A 238 -8.30 -27.67 -18.71
C ILE A 238 -7.40 -27.90 -19.91
N ASP A 239 -7.72 -28.97 -20.65
CA ASP A 239 -6.90 -29.47 -21.75
C ASP A 239 -6.90 -28.51 -22.94
N GLU A 240 -8.08 -28.00 -23.30
CA GLU A 240 -8.23 -27.12 -24.45
C GLU A 240 -7.99 -25.65 -24.09
N GLY A 241 -8.64 -25.21 -23.02
CA GLY A 241 -8.57 -23.80 -22.63
C GLY A 241 -9.58 -22.95 -23.38
N LEU A 242 -9.92 -21.82 -22.79
CA LEU A 242 -11.01 -21.00 -23.25
C LEU A 242 -10.48 -19.64 -23.72
N ARG A 243 -10.83 -19.24 -24.95
CA ARG A 243 -10.50 -17.90 -25.44
C ARG A 243 -11.72 -17.23 -26.07
N LEU A 244 -11.79 -15.90 -25.96
CA LEU A 244 -12.93 -15.14 -26.46
C LEU A 244 -12.71 -14.48 -27.83
N LYS A 245 -11.49 -14.06 -28.16
CA LYS A 245 -11.19 -13.53 -29.51
C LYS A 245 -10.88 -14.70 -30.41
N ILE A 246 -10.93 -14.51 -31.73
CA ILE A 246 -10.54 -15.57 -32.66
C ILE A 246 -9.03 -15.78 -32.58
N TYR A 247 -8.59 -17.03 -32.69
CA TYR A 247 -7.15 -17.33 -32.72
C TYR A 247 -6.78 -18.48 -33.66
N LYS A 248 -5.56 -18.47 -34.16
CA LYS A 248 -5.07 -19.59 -34.95
C LYS A 248 -4.64 -20.67 -33.99
N ASP A 249 -5.00 -21.92 -34.28
CA ASP A 249 -4.64 -23.05 -33.41
C ASP A 249 -3.25 -23.63 -33.73
N THR A 250 -2.95 -24.82 -33.19
CA THR A 250 -1.63 -25.44 -33.38
C THR A 250 -1.36 -25.79 -34.84
N GLU A 251 -2.41 -26.11 -35.60
CA GLU A 251 -2.29 -26.42 -37.03
C GLU A 251 -2.27 -25.17 -37.89
N GLY A 252 -2.73 -24.06 -37.32
CA GLY A 252 -2.77 -22.78 -38.03
C GLY A 252 -4.16 -22.37 -38.45
N TYR A 253 -5.16 -23.08 -37.92
CA TYR A 253 -6.56 -22.90 -38.30
C TYR A 253 -7.28 -22.01 -37.32
N TYR A 254 -8.17 -21.16 -37.84
CA TYR A 254 -8.92 -20.22 -37.00
C TYR A 254 -9.86 -20.91 -36.00
N THR A 255 -9.80 -20.48 -34.76
CA THR A 255 -10.49 -21.13 -33.67
C THR A 255 -10.95 -20.10 -32.65
N ILE A 256 -11.93 -20.46 -31.83
CA ILE A 256 -12.43 -19.57 -30.77
C ILE A 256 -13.17 -20.38 -29.70
N GLY A 257 -13.18 -19.87 -28.48
CA GLY A 257 -13.78 -20.62 -27.38
C GLY A 257 -12.91 -21.80 -27.01
N ILE A 258 -13.55 -22.89 -26.58
CA ILE A 258 -12.84 -24.04 -26.04
C ILE A 258 -12.56 -25.02 -27.16
N GLY A 259 -11.45 -24.74 -27.84
CA GLY A 259 -11.02 -25.52 -29.00
C GLY A 259 -11.97 -25.64 -30.18
N HIS A 260 -12.91 -24.71 -30.35
CA HIS A 260 -13.85 -24.79 -31.49
C HIS A 260 -13.22 -24.30 -32.79
N LEU A 261 -12.91 -25.21 -33.71
CA LEU A 261 -12.40 -24.82 -35.02
C LEU A 261 -13.52 -24.19 -35.81
N LEU A 262 -13.28 -22.95 -36.27
CA LEU A 262 -14.25 -22.20 -37.05
C LEU A 262 -14.14 -22.50 -38.54
N THR A 263 -12.93 -22.49 -39.08
CA THR A 263 -12.74 -22.76 -40.50
C THR A 263 -11.30 -23.10 -40.86
N LYS A 264 -11.16 -24.00 -41.83
CA LYS A 264 -9.85 -24.35 -42.39
C LYS A 264 -9.39 -23.37 -43.51
N SER A 265 -10.21 -22.38 -43.83
CA SER A 265 -9.85 -21.36 -44.82
C SER A 265 -8.84 -20.38 -44.18
N PRO A 266 -7.98 -19.73 -45.01
CA PRO A 266 -7.10 -18.66 -44.53
C PRO A 266 -7.77 -17.28 -44.53
N SER A 267 -9.11 -17.26 -44.48
CA SER A 267 -9.87 -16.03 -44.40
C SER A 267 -10.34 -15.80 -42.99
N LEU A 268 -10.02 -14.64 -42.44
CA LEU A 268 -10.57 -14.21 -41.15
C LEU A 268 -12.03 -13.75 -41.31
N ASN A 269 -12.48 -13.48 -42.54
CA ASN A 269 -13.90 -13.27 -42.81
C ASN A 269 -14.69 -14.56 -42.60
N ALA A 270 -14.34 -15.61 -43.35
CA ALA A 270 -15.07 -16.88 -43.29
C ALA A 270 -15.17 -17.36 -41.86
N ALA A 271 -14.08 -17.19 -41.11
CA ALA A 271 -14.05 -17.50 -39.69
C ALA A 271 -15.15 -16.75 -38.95
N LYS A 272 -15.18 -15.42 -39.09
CA LYS A 272 -16.25 -14.61 -38.46
C LYS A 272 -17.64 -14.95 -39.00
N SER A 273 -17.69 -15.39 -40.26
CA SER A 273 -18.96 -15.71 -40.88
C SER A 273 -19.52 -16.99 -40.28
N GLU A 274 -18.65 -17.96 -40.06
CA GLU A 274 -19.02 -19.20 -39.38
C GLU A 274 -19.25 -18.99 -37.90
N LEU A 275 -18.58 -17.99 -37.33
CA LEU A 275 -18.67 -17.70 -35.90
C LEU A 275 -20.03 -17.09 -35.58
N ASP A 276 -20.45 -16.14 -36.42
CA ASP A 276 -21.78 -15.55 -36.32
C ASP A 276 -22.81 -16.65 -36.47
N LYS A 277 -22.68 -17.46 -37.51
CA LYS A 277 -23.60 -18.56 -37.78
C LYS A 277 -23.79 -19.48 -36.58
N ALA A 278 -22.73 -19.71 -35.82
CA ALA A 278 -22.77 -20.64 -34.69
C ALA A 278 -23.35 -20.03 -33.42
N ILE A 279 -23.53 -18.71 -33.41
CA ILE A 279 -23.96 -18.00 -32.21
C ILE A 279 -25.30 -17.26 -32.41
N GLY A 280 -25.45 -16.59 -33.54
CA GLY A 280 -26.70 -15.91 -33.87
C GLY A 280 -26.66 -14.44 -33.52
N ARG A 281 -25.55 -13.80 -33.85
CA ARG A 281 -25.38 -12.36 -33.73
C ARG A 281 -24.05 -12.03 -34.39
N ASN A 282 -23.91 -10.80 -34.88
CA ASN A 282 -22.62 -10.38 -35.44
C ASN A 282 -21.59 -10.16 -34.32
N THR A 283 -20.80 -11.21 -34.06
CA THR A 283 -19.78 -11.20 -32.99
C THR A 283 -18.65 -10.23 -33.29
N ASN A 284 -18.19 -10.24 -34.54
CA ASN A 284 -17.05 -9.44 -34.99
C ASN A 284 -15.72 -9.91 -34.38
N GLY A 285 -15.65 -11.20 -34.04
CA GLY A 285 -14.42 -11.79 -33.53
C GLY A 285 -14.46 -12.13 -32.06
N VAL A 286 -15.40 -11.55 -31.31
CA VAL A 286 -15.42 -11.73 -29.86
C VAL A 286 -16.71 -12.35 -29.34
N ILE A 287 -16.60 -13.15 -28.28
CA ILE A 287 -17.76 -13.78 -27.66
C ILE A 287 -17.68 -13.62 -26.16
N THR A 288 -18.70 -14.14 -25.47
CA THR A 288 -18.76 -14.09 -24.02
C THR A 288 -18.31 -15.44 -23.53
N LYS A 289 -18.13 -15.54 -22.21
CA LYS A 289 -17.84 -16.82 -21.58
C LYS A 289 -18.99 -17.80 -21.85
N ASP A 290 -20.22 -17.36 -21.56
CA ASP A 290 -21.38 -18.25 -21.59
C ASP A 290 -21.73 -18.71 -22.99
N GLU A 291 -21.55 -17.83 -23.97
CA GLU A 291 -21.63 -18.22 -25.38
C GLU A 291 -20.61 -19.31 -25.66
N ALA A 292 -19.35 -19.02 -25.32
CA ALA A 292 -18.26 -19.95 -25.49
C ALA A 292 -18.61 -21.31 -24.92
N GLU A 293 -19.29 -21.30 -23.77
CA GLU A 293 -19.68 -22.54 -23.07
C GLU A 293 -20.75 -23.31 -23.84
N LYS A 294 -21.80 -22.61 -24.27
CA LYS A 294 -22.87 -23.28 -25.00
C LYS A 294 -22.31 -23.86 -26.31
N LEU A 295 -21.52 -23.06 -27.03
CA LEU A 295 -20.83 -23.56 -28.23
C LEU A 295 -20.03 -24.83 -27.93
N PHE A 296 -19.39 -24.86 -26.78
CA PHE A 296 -18.64 -26.04 -26.36
C PHE A 296 -19.54 -27.24 -26.06
N ASN A 297 -20.62 -27.02 -25.31
CA ASN A 297 -21.53 -28.10 -24.98
C ASN A 297 -22.16 -28.77 -26.21
N GLN A 298 -22.29 -28.02 -27.31
CA GLN A 298 -22.70 -28.60 -28.58
C GLN A 298 -21.60 -29.52 -29.11
N ASP A 299 -20.40 -28.99 -29.23
CA ASP A 299 -19.27 -29.74 -29.79
C ASP A 299 -19.10 -31.06 -29.06
N VAL A 300 -19.38 -31.07 -27.77
CA VAL A 300 -19.30 -32.29 -26.98
C VAL A 300 -20.40 -33.28 -27.40
N ASP A 301 -21.60 -32.77 -27.61
CA ASP A 301 -22.69 -33.59 -28.13
C ASP A 301 -22.33 -34.18 -29.49
N ALA A 302 -21.90 -33.33 -30.42
CA ALA A 302 -21.49 -33.78 -31.76
C ALA A 302 -20.41 -34.85 -31.62
N ALA A 303 -19.52 -34.65 -30.65
CA ALA A 303 -18.48 -35.65 -30.37
C ALA A 303 -19.11 -36.97 -29.93
N VAL A 304 -20.09 -36.93 -29.02
CA VAL A 304 -20.75 -38.17 -28.61
C VAL A 304 -21.38 -38.85 -29.80
N ARG A 305 -22.26 -38.12 -30.48
CA ARG A 305 -22.97 -38.63 -31.66
C ARG A 305 -21.98 -39.22 -32.69
N GLY A 306 -20.94 -38.45 -33.00
CA GLY A 306 -19.94 -38.84 -33.98
C GLY A 306 -19.39 -40.23 -33.73
N ILE A 307 -19.18 -40.55 -32.46
CA ILE A 307 -18.68 -41.86 -32.03
C ILE A 307 -19.71 -42.97 -32.23
N LEU A 308 -20.97 -42.70 -31.88
CA LEU A 308 -22.03 -43.70 -31.98
C LEU A 308 -22.38 -44.02 -33.45
N ARG A 309 -22.10 -43.08 -34.34
CA ARG A 309 -22.23 -43.32 -35.77
C ARG A 309 -21.01 -44.04 -36.32
N ASN A 310 -19.88 -43.99 -35.62
CA ASN A 310 -18.69 -44.74 -36.04
C ASN A 310 -18.84 -46.21 -35.69
N ALA A 311 -18.53 -47.07 -36.66
CA ALA A 311 -18.67 -48.51 -36.54
C ALA A 311 -17.50 -49.15 -35.76
N LYS A 312 -16.45 -48.36 -35.49
CA LYS A 312 -15.28 -48.82 -34.71
C LYS A 312 -15.33 -48.35 -33.26
N LEU A 313 -15.74 -47.09 -33.07
CA LEU A 313 -15.67 -46.44 -31.77
C LEU A 313 -16.88 -46.71 -30.87
N LYS A 314 -17.99 -47.16 -31.45
CA LYS A 314 -19.21 -47.40 -30.67
C LYS A 314 -19.06 -48.55 -29.66
N PRO A 315 -18.57 -49.73 -30.12
CA PRO A 315 -18.42 -50.87 -29.20
C PRO A 315 -17.43 -50.59 -28.06
N VAL A 316 -16.46 -49.72 -28.33
CA VAL A 316 -15.50 -49.31 -27.31
C VAL A 316 -16.27 -48.46 -26.30
N TYR A 317 -16.95 -47.45 -26.80
CA TYR A 317 -17.63 -46.46 -25.97
C TYR A 317 -18.75 -47.05 -25.14
N ASP A 318 -19.43 -48.05 -25.69
CA ASP A 318 -20.48 -48.73 -24.93
C ASP A 318 -19.89 -49.45 -23.71
N SER A 319 -18.77 -50.14 -23.90
CA SER A 319 -18.12 -50.89 -22.82
C SER A 319 -17.22 -50.05 -21.92
N LEU A 320 -17.28 -48.72 -22.09
CA LEU A 320 -16.55 -47.80 -21.22
C LEU A 320 -17.49 -47.16 -20.21
N ASP A 321 -16.90 -46.56 -19.19
CA ASP A 321 -17.64 -45.96 -18.11
C ASP A 321 -17.62 -44.45 -18.24
N ALA A 322 -18.52 -43.82 -17.50
CA ALA A 322 -18.69 -42.40 -17.48
C ALA A 322 -17.38 -41.65 -17.57
N VAL A 323 -16.33 -42.16 -16.96
CA VAL A 323 -15.14 -41.38 -16.83
C VAL A 323 -14.35 -41.73 -18.04
N ARG A 324 -14.05 -43.00 -18.19
CA ARG A 324 -13.27 -43.46 -19.35
C ARG A 324 -13.91 -43.06 -20.68
N ARG A 325 -15.24 -42.99 -20.71
CA ARG A 325 -15.96 -42.43 -21.84
C ARG A 325 -15.48 -41.02 -22.09
N ALA A 326 -15.38 -40.25 -21.01
CA ALA A 326 -14.93 -38.88 -21.09
C ALA A 326 -13.57 -38.72 -21.76
N ALA A 327 -12.66 -39.68 -21.59
CA ALA A 327 -11.32 -39.64 -22.22
C ALA A 327 -11.37 -39.97 -23.72
N LEU A 328 -12.31 -40.83 -24.12
CA LEU A 328 -12.52 -41.07 -25.55
C LEU A 328 -13.08 -39.82 -26.21
N ILE A 329 -14.09 -39.21 -25.59
CA ILE A 329 -14.61 -37.95 -26.11
C ILE A 329 -13.45 -36.98 -26.28
N ASN A 330 -12.58 -36.94 -25.27
CA ASN A 330 -11.42 -36.05 -25.25
C ASN A 330 -10.44 -36.30 -26.41
N MET A 331 -10.19 -37.55 -26.75
CA MET A 331 -9.30 -37.85 -27.85
C MET A 331 -9.98 -37.43 -29.15
N VAL A 332 -11.27 -37.73 -29.28
CA VAL A 332 -12.01 -37.40 -30.50
C VAL A 332 -12.16 -35.89 -30.62
N PHE A 333 -12.22 -35.21 -29.49
CA PHE A 333 -12.23 -33.76 -29.51
C PHE A 333 -10.91 -33.31 -30.10
N GLN A 334 -9.82 -33.81 -29.54
CA GLN A 334 -8.50 -33.45 -30.03
C GLN A 334 -8.27 -33.84 -31.49
N MET A 335 -8.74 -35.03 -31.88
CA MET A 335 -8.29 -35.66 -33.12
C MET A 335 -9.37 -36.04 -34.15
N GLY A 336 -10.64 -35.84 -33.82
CA GLY A 336 -11.74 -36.21 -34.73
C GLY A 336 -12.05 -37.69 -34.78
N GLU A 337 -13.32 -38.03 -35.05
CA GLU A 337 -13.81 -39.42 -34.93
C GLU A 337 -12.99 -40.47 -35.70
N THR A 338 -12.40 -40.08 -36.83
CA THR A 338 -11.69 -41.04 -37.70
C THR A 338 -10.19 -41.19 -37.36
N GLY A 339 -9.60 -40.14 -36.80
CA GLY A 339 -8.21 -40.18 -36.34
C GLY A 339 -8.08 -41.13 -35.15
N VAL A 340 -8.94 -40.92 -34.16
CA VAL A 340 -9.07 -41.81 -33.00
C VAL A 340 -9.38 -43.26 -33.40
N ALA A 341 -10.13 -43.44 -34.49
CA ALA A 341 -10.47 -44.76 -35.01
C ALA A 341 -9.26 -45.55 -35.51
N GLY A 342 -8.12 -44.88 -35.68
CA GLY A 342 -6.91 -45.52 -36.21
C GLY A 342 -5.99 -46.15 -35.17
N PHE A 343 -6.35 -46.07 -33.89
CA PHE A 343 -5.58 -46.73 -32.81
C PHE A 343 -6.22 -48.11 -32.62
N THR A 344 -6.11 -48.98 -33.63
CA THR A 344 -6.92 -50.19 -33.70
C THR A 344 -6.53 -51.03 -32.50
N ASN A 345 -5.22 -51.23 -32.34
CA ASN A 345 -4.66 -52.06 -31.26
C ASN A 345 -5.15 -51.65 -29.88
N SER A 346 -5.23 -50.34 -29.65
CA SER A 346 -5.57 -49.76 -28.35
C SER A 346 -7.08 -49.77 -28.10
N LEU A 347 -7.86 -49.68 -29.17
CA LEU A 347 -9.31 -49.61 -29.07
C LEU A 347 -9.88 -50.97 -28.67
N ARG A 348 -9.25 -52.02 -29.18
CA ARG A 348 -9.57 -53.37 -28.76
C ARG A 348 -9.16 -53.57 -27.30
N MET A 349 -7.95 -53.12 -26.97
CA MET A 349 -7.41 -53.29 -25.62
C MET A 349 -8.29 -52.61 -24.56
N LEU A 350 -8.95 -51.53 -24.94
CA LEU A 350 -9.88 -50.85 -24.05
C LEU A 350 -11.20 -51.62 -23.94
N GLN A 351 -11.57 -52.32 -25.01
CA GLN A 351 -12.79 -53.12 -24.98
C GLN A 351 -12.57 -54.36 -24.10
N GLN A 352 -11.41 -54.99 -24.26
CA GLN A 352 -11.06 -56.16 -23.48
C GLN A 352 -10.71 -55.80 -22.04
N LYS A 353 -10.97 -54.54 -21.68
CA LYS A 353 -10.78 -54.01 -20.32
C LYS A 353 -9.33 -53.98 -19.85
N ARG A 354 -8.41 -54.38 -20.72
CA ARG A 354 -6.99 -54.32 -20.44
C ARG A 354 -6.58 -52.84 -20.39
N TRP A 355 -6.60 -52.26 -19.19
CA TRP A 355 -6.35 -50.83 -19.04
C TRP A 355 -4.87 -50.52 -19.12
N ASP A 356 -4.09 -51.12 -18.23
CA ASP A 356 -2.64 -50.91 -18.17
C ASP A 356 -1.94 -51.14 -19.50
N GLU A 357 -2.38 -52.15 -20.24
CA GLU A 357 -1.78 -52.46 -21.53
C GLU A 357 -2.05 -51.35 -22.55
N ALA A 358 -3.31 -50.95 -22.62
CA ALA A 358 -3.74 -49.89 -23.52
C ALA A 358 -2.96 -48.62 -23.28
N ALA A 359 -2.75 -48.26 -22.01
CA ALA A 359 -1.97 -47.07 -21.67
C ALA A 359 -0.54 -47.14 -22.20
N VAL A 360 0.17 -48.24 -21.90
CA VAL A 360 1.53 -48.42 -22.40
C VAL A 360 1.54 -48.47 -23.92
N ASN A 361 0.43 -48.94 -24.50
CA ASN A 361 0.25 -48.98 -25.95
C ASN A 361 0.12 -47.59 -26.56
N LEU A 362 -0.76 -46.77 -25.98
CA LEU A 362 -1.04 -45.44 -26.52
C LEU A 362 0.17 -44.50 -26.41
N ALA A 363 1.07 -44.76 -25.46
CA ALA A 363 2.28 -43.94 -25.30
C ALA A 363 3.16 -44.02 -26.54
N LYS A 364 3.22 -45.23 -27.11
CA LYS A 364 4.05 -45.50 -28.28
C LYS A 364 3.63 -44.70 -29.53
N SER A 365 2.56 -43.91 -29.42
CA SER A 365 2.01 -43.19 -30.57
C SER A 365 2.63 -41.88 -30.98
N ARG A 366 2.25 -41.45 -32.17
CA ARG A 366 2.60 -40.14 -32.69
C ARG A 366 1.81 -39.05 -31.96
N TRP A 367 0.62 -39.42 -31.45
CA TRP A 367 -0.20 -38.50 -30.64
C TRP A 367 0.55 -38.04 -29.38
N TYR A 368 1.28 -38.96 -28.77
CA TYR A 368 2.03 -38.71 -27.55
C TYR A 368 3.22 -37.78 -27.79
N ASN A 369 4.03 -38.07 -28.80
CA ASN A 369 5.18 -37.20 -29.13
C ASN A 369 4.78 -35.77 -29.44
N GLN A 370 3.67 -35.63 -30.16
CA GLN A 370 3.10 -34.32 -30.52
C GLN A 370 2.66 -33.47 -29.31
N THR A 371 1.83 -34.04 -28.45
CA THR A 371 1.28 -33.33 -27.29
C THR A 371 1.39 -34.23 -26.07
N PRO A 372 2.60 -34.33 -25.51
CA PRO A 372 2.93 -35.36 -24.51
C PRO A 372 2.29 -35.20 -23.14
N ASN A 373 1.91 -33.98 -22.77
CA ASN A 373 1.31 -33.75 -21.45
C ASN A 373 -0.17 -34.12 -21.46
N ARG A 374 -0.87 -33.61 -22.47
CA ARG A 374 -2.28 -33.94 -22.66
C ARG A 374 -2.47 -35.44 -22.85
N ALA A 375 -1.51 -36.09 -23.49
CA ALA A 375 -1.58 -37.54 -23.65
C ALA A 375 -1.48 -38.21 -22.29
N LYS A 376 -0.51 -37.78 -21.49
CA LYS A 376 -0.29 -38.34 -20.17
C LYS A 376 -1.53 -38.26 -19.27
N ARG A 377 -2.32 -37.21 -19.44
CA ARG A 377 -3.53 -37.00 -18.62
C ARG A 377 -4.72 -37.77 -19.14
N VAL A 378 -4.78 -37.98 -20.44
CA VAL A 378 -5.85 -38.81 -21.01
C VAL A 378 -5.55 -40.28 -20.77
N ILE A 379 -4.31 -40.68 -21.03
CA ILE A 379 -3.86 -42.05 -20.78
C ILE A 379 -4.02 -42.42 -19.31
N THR A 380 -3.71 -41.51 -18.39
CA THR A 380 -3.91 -41.79 -16.96
C THR A 380 -5.38 -42.01 -16.64
N THR A 381 -6.25 -41.22 -17.28
CA THR A 381 -7.69 -41.34 -17.09
C THR A 381 -8.18 -42.71 -17.54
N PHE A 382 -7.67 -43.19 -18.67
CA PHE A 382 -8.03 -44.51 -19.16
C PHE A 382 -7.51 -45.54 -18.20
N ARG A 383 -6.24 -45.42 -17.82
CA ARG A 383 -5.59 -46.41 -16.97
C ARG A 383 -6.35 -46.56 -15.65
N THR A 384 -6.61 -45.45 -14.98
CA THR A 384 -7.14 -45.48 -13.63
C THR A 384 -8.65 -45.36 -13.55
N GLY A 385 -9.28 -44.80 -14.58
CA GLY A 385 -10.72 -44.54 -14.52
C GLY A 385 -11.11 -43.50 -13.49
N THR A 386 -10.17 -42.60 -13.16
CA THR A 386 -10.38 -41.50 -12.21
C THR A 386 -9.88 -40.16 -12.78
N TRP A 387 -10.16 -39.08 -12.06
CA TRP A 387 -9.74 -37.74 -12.50
C TRP A 387 -8.54 -37.25 -11.68
N ASP A 388 -7.75 -38.17 -11.15
CA ASP A 388 -6.56 -37.81 -10.37
C ASP A 388 -5.50 -37.17 -11.27
N ALA A 389 -5.65 -37.37 -12.58
CA ALA A 389 -4.83 -36.73 -13.60
C ALA A 389 -4.99 -35.21 -13.63
N TYR A 390 -6.18 -34.74 -13.26
CA TYR A 390 -6.53 -33.31 -13.25
C TYR A 390 -6.73 -32.74 -11.84
N GLY A 391 -6.44 -33.53 -10.81
CA GLY A 391 -6.62 -33.09 -9.45
C GLY A 391 -5.39 -32.36 -8.93
N VAL A 392 -5.42 -32.00 -7.65
CA VAL A 392 -4.26 -31.44 -7.00
C VAL A 392 -3.42 -32.60 -6.48
N PRO A 393 -2.16 -32.74 -6.94
CA PRO A 393 -1.35 -33.89 -6.57
C PRO A 393 -1.12 -34.03 -5.07
N LEU A 394 -0.86 -35.25 -4.62
CA LEU A 394 -0.56 -35.49 -3.22
C LEU A 394 0.66 -34.67 -2.80
N ARG A 395 1.73 -34.75 -3.59
CA ARG A 395 2.98 -34.03 -3.33
C ARG A 395 2.72 -32.57 -2.95
N GLU A 396 1.77 -31.95 -3.62
CA GLU A 396 1.51 -30.51 -3.43
C GLU A 396 0.61 -30.22 -2.23
N LYS A 397 -0.40 -31.06 -1.99
CA LYS A 397 -1.19 -30.94 -0.76
C LYS A 397 -0.25 -30.92 0.43
N LYS A 398 0.65 -31.91 0.46
CA LYS A 398 1.59 -32.08 1.58
C LYS A 398 2.56 -30.92 1.74
N ALA A 399 2.88 -30.23 0.64
CA ALA A 399 3.68 -29.00 0.69
C ALA A 399 2.83 -27.87 1.24
N THR A 400 1.64 -27.70 0.67
CA THR A 400 0.73 -26.66 1.13
C THR A 400 0.40 -26.80 2.61
N GLN A 401 0.31 -28.05 3.08
CA GLN A 401 0.12 -28.31 4.50
C GLN A 401 1.36 -27.88 5.32
N MET A 402 2.54 -28.26 4.84
CA MET A 402 3.79 -27.94 5.53
C MET A 402 3.95 -26.43 5.74
N VAL A 403 3.88 -25.70 4.64
CA VAL A 403 4.10 -24.24 4.67
C VAL A 403 2.96 -23.44 5.35
N ALA A 404 1.86 -24.10 5.67
CA ALA A 404 0.85 -23.52 6.56
C ALA A 404 1.38 -23.51 7.99
N ILE A 405 2.14 -24.54 8.35
CA ILE A 405 2.68 -24.67 9.68
C ILE A 405 3.94 -23.82 9.85
N VAL A 406 4.73 -23.66 8.80
CA VAL A 406 5.91 -22.79 8.85
C VAL A 406 5.44 -21.36 9.08
N LEU A 407 4.33 -21.00 8.42
CA LEU A 407 3.69 -19.72 8.61
C LEU A 407 3.13 -19.61 10.02
N GLY A 408 2.44 -20.66 10.48
CA GLY A 408 1.92 -20.70 11.84
C GLY A 408 3.00 -20.45 12.87
N ALA A 409 4.11 -21.18 12.73
CA ALA A 409 5.29 -21.01 13.59
C ALA A 409 5.70 -19.54 13.68
N PHE A 410 5.75 -18.89 12.53
CA PHE A 410 6.17 -17.50 12.47
C PHE A 410 5.26 -16.64 13.34
N ILE A 411 3.98 -16.61 13.01
CA ILE A 411 3.05 -15.69 13.66
C ILE A 411 3.01 -15.92 15.15
N VAL A 412 3.19 -17.17 15.58
CA VAL A 412 3.25 -17.48 17.01
C VAL A 412 4.54 -16.92 17.62
N CYS A 413 5.63 -16.99 16.87
CA CYS A 413 6.93 -16.47 17.32
C CYS A 413 7.04 -14.94 17.33
N TRP A 414 6.51 -14.30 16.29
CA TRP A 414 6.71 -12.87 16.09
C TRP A 414 5.54 -11.97 16.53
N LEU A 415 4.33 -12.49 16.62
CA LEU A 415 3.18 -11.68 17.06
C LEU A 415 3.36 -11.13 18.48
N PRO A 416 3.89 -11.95 19.40
CA PRO A 416 4.18 -11.45 20.75
C PRO A 416 5.02 -10.17 20.75
N PHE A 417 6.12 -10.20 20.00
CA PHE A 417 7.02 -9.04 19.91
C PHE A 417 6.34 -7.80 19.35
N PHE A 418 5.73 -7.93 18.18
CA PHE A 418 5.14 -6.78 17.50
C PHE A 418 4.03 -6.10 18.32
N LEU A 419 3.41 -6.86 19.22
CA LEU A 419 2.44 -6.28 20.15
C LEU A 419 3.13 -5.60 21.32
N THR A 420 4.22 -6.20 21.83
CA THR A 420 4.94 -5.63 22.97
C THR A 420 5.74 -4.39 22.59
N HIS A 421 6.51 -4.47 21.50
CA HIS A 421 7.37 -3.35 21.09
C HIS A 421 6.56 -2.11 20.67
N VAL A 422 5.39 -2.32 20.07
CA VAL A 422 4.48 -1.23 19.76
C VAL A 422 3.95 -0.57 21.03
N LEU A 423 3.53 -1.40 21.98
CA LEU A 423 2.90 -0.92 23.20
C LEU A 423 3.89 -0.40 24.25
N ASN A 424 5.18 -0.74 24.12
CA ASN A 424 6.20 -0.20 25.02
C ASN A 424 6.55 1.25 24.65
N THR A 425 6.58 1.54 23.36
CA THR A 425 6.95 2.86 22.85
C THR A 425 5.75 3.80 22.68
N HIS A 426 4.56 3.25 22.50
CA HIS A 426 3.32 4.03 22.54
C HIS A 426 2.65 3.54 23.83
N CYS A 427 2.87 4.29 24.91
CA CYS A 427 2.61 3.79 26.26
C CYS A 427 1.58 4.60 27.07
N GLN A 428 0.74 3.79 27.72
CA GLN A 428 -0.40 4.15 28.56
C GLN A 428 -0.92 2.78 29.00
N THR A 429 -0.77 2.47 30.30
CA THR A 429 -0.77 1.11 30.82
C THR A 429 0.36 0.12 30.52
N CYS A 430 1.59 0.63 30.59
CA CYS A 430 2.79 -0.15 30.29
C CYS A 430 2.89 -1.26 31.31
N HIS A 431 2.28 -2.41 31.05
CA HIS A 431 2.46 -3.55 31.94
C HIS A 431 3.49 -4.28 31.09
N VAL A 432 4.67 -3.66 30.96
CA VAL A 432 5.71 -4.08 30.01
C VAL A 432 7.10 -4.05 30.67
N SER A 433 7.37 -5.08 31.46
CA SER A 433 8.65 -5.23 32.16
C SER A 433 9.71 -5.78 31.19
N PRO A 434 10.95 -5.25 31.26
CA PRO A 434 12.05 -5.74 30.39
C PRO A 434 12.28 -7.25 30.44
N GLU A 435 11.85 -7.91 31.52
CA GLU A 435 11.94 -9.37 31.63
C GLU A 435 11.08 -9.99 30.53
N LEU A 436 9.86 -9.47 30.39
CA LEU A 436 8.95 -9.90 29.33
C LEU A 436 9.56 -9.64 27.95
N TYR A 437 10.01 -8.40 27.74
CA TYR A 437 10.57 -7.97 26.45
C TYR A 437 11.68 -8.91 25.94
N SER A 438 12.57 -9.33 26.83
CA SER A 438 13.64 -10.25 26.47
C SER A 438 13.09 -11.57 25.95
N ALA A 439 11.98 -12.03 26.52
CA ALA A 439 11.32 -13.24 26.06
C ALA A 439 10.77 -13.05 24.65
N THR A 440 9.91 -12.04 24.47
CA THR A 440 9.26 -11.78 23.17
C THR A 440 10.27 -11.68 22.04
N THR A 441 11.45 -11.12 22.33
CA THR A 441 12.55 -11.08 21.38
C THR A 441 13.18 -12.46 21.26
N TRP A 442 13.44 -13.12 22.39
CA TRP A 442 14.02 -14.47 22.37
C TRP A 442 13.16 -15.40 21.51
N LEU A 443 11.86 -15.41 21.80
CA LEU A 443 10.92 -16.24 21.07
C LEU A 443 11.03 -16.01 19.56
N GLY A 444 11.20 -14.73 19.19
CA GLY A 444 11.30 -14.34 17.78
C GLY A 444 12.49 -14.91 17.06
N TYR A 445 13.62 -15.03 17.77
CA TYR A 445 14.83 -15.62 17.19
C TYR A 445 14.78 -17.16 17.16
N VAL A 446 14.05 -17.76 18.10
CA VAL A 446 13.85 -19.22 18.11
C VAL A 446 13.25 -19.72 16.80
N ASN A 447 12.36 -18.90 16.22
CA ASN A 447 11.68 -19.21 14.96
C ASN A 447 12.60 -19.72 13.87
N SER A 448 13.75 -19.08 13.73
CA SER A 448 14.70 -19.44 12.67
C SER A 448 15.12 -20.90 12.71
N ALA A 449 15.50 -21.39 13.88
CA ALA A 449 15.96 -22.77 14.03
C ALA A 449 14.84 -23.81 13.93
N LEU A 450 13.58 -23.37 14.00
CA LEU A 450 12.43 -24.28 13.90
C LEU A 450 12.15 -24.77 12.47
N ASN A 451 12.26 -23.89 11.48
CA ASN A 451 11.90 -24.25 10.10
C ASN A 451 12.46 -25.60 9.68
N PRO A 452 13.80 -25.79 9.79
CA PRO A 452 14.35 -27.11 9.42
C PRO A 452 13.83 -28.30 10.26
N VAL A 453 13.39 -28.05 11.48
CA VAL A 453 12.76 -29.08 12.29
C VAL A 453 11.36 -29.40 11.77
N ILE A 454 10.69 -28.42 11.16
CA ILE A 454 9.40 -28.66 10.51
C ILE A 454 9.60 -29.36 9.17
N TYR A 455 10.62 -28.95 8.42
CA TYR A 455 10.93 -29.55 7.12
C TYR A 455 11.29 -31.03 7.24
N THR A 456 11.92 -31.42 8.34
CA THR A 456 12.20 -32.83 8.57
C THR A 456 10.96 -33.56 9.09
N THR A 457 10.13 -32.87 9.86
CA THR A 457 8.93 -33.48 10.44
C THR A 457 7.95 -34.01 9.40
N PHE A 458 7.62 -33.17 8.43
CA PHE A 458 6.51 -33.46 7.52
C PHE A 458 6.97 -33.90 6.11
N ASN A 459 8.04 -33.28 5.62
CA ASN A 459 8.62 -33.65 4.32
C ASN A 459 9.53 -34.87 4.46
N ILE A 460 9.23 -35.93 3.71
CA ILE A 460 10.06 -37.13 3.74
C ILE A 460 11.38 -36.90 2.99
N GLU A 461 11.32 -36.24 1.83
CA GLU A 461 12.50 -36.13 0.97
C GLU A 461 13.60 -35.22 1.52
N PHE A 462 13.22 -34.20 2.30
CA PHE A 462 14.20 -33.43 3.08
C PHE A 462 14.83 -34.37 4.10
N ARG A 463 13.97 -35.01 4.91
CA ARG A 463 14.39 -35.98 5.91
C ARG A 463 15.34 -37.05 5.31
N LYS A 464 15.09 -37.43 4.06
CA LYS A 464 15.98 -38.35 3.34
C LYS A 464 17.34 -37.72 3.07
N ALA A 465 17.35 -36.51 2.52
CA ALA A 465 18.57 -35.82 2.11
C ALA A 465 19.43 -35.37 3.30
N PHE A 466 18.78 -35.07 4.42
CA PHE A 466 19.45 -34.58 5.62
C PHE A 466 20.35 -35.64 6.25
N LEU A 467 19.81 -36.85 6.37
CA LEU A 467 20.57 -38.01 6.85
C LEU A 467 21.58 -38.50 5.81
N LYS A 468 21.40 -38.09 4.56
CA LYS A 468 22.32 -38.45 3.46
C LYS A 468 23.61 -37.62 3.54
N ILE A 469 23.48 -36.35 3.92
CA ILE A 469 24.63 -35.44 4.11
C ILE A 469 25.32 -35.66 5.47
N LEU A 470 24.53 -36.06 6.47
CA LEU A 470 25.03 -36.34 7.82
C LEU A 470 25.68 -37.73 7.96
N SER A 471 25.37 -38.65 7.02
CA SER A 471 25.87 -40.04 7.08
C SER A 471 27.28 -40.24 6.49
N CYS A 472 27.82 -39.21 5.86
CA CYS A 472 29.10 -39.32 5.13
C CYS A 472 30.28 -39.66 6.05
N TYR B 41 -8.04 6.38 -29.69
CA TYR B 41 -7.02 6.30 -28.65
C TYR B 41 -5.64 6.06 -29.24
N ALA B 42 -5.55 6.14 -30.57
CA ALA B 42 -4.29 5.93 -31.26
C ALA B 42 -3.17 6.91 -30.89
N LEU B 43 -3.41 8.20 -31.11
CA LEU B 43 -2.43 9.22 -30.80
C LEU B 43 -2.92 9.98 -29.57
N SER B 44 -4.19 9.80 -29.24
CA SER B 44 -4.79 10.48 -28.07
C SER B 44 -4.22 9.99 -26.75
N TYR B 45 -3.59 8.81 -26.76
CA TYR B 45 -2.74 8.39 -25.65
C TYR B 45 -1.32 8.93 -25.82
N CYS B 46 -0.79 8.88 -27.04
CA CYS B 46 0.52 9.44 -27.35
C CYS B 46 0.63 10.92 -26.97
N ALA B 47 -0.45 11.67 -27.18
CA ALA B 47 -0.52 13.09 -26.79
C ALA B 47 -0.48 13.24 -25.28
N LEU B 48 -1.36 12.51 -24.59
CA LEU B 48 -1.48 12.60 -23.14
C LEU B 48 -0.19 12.18 -22.40
N ILE B 49 0.70 11.43 -23.05
CA ILE B 49 2.00 11.10 -22.47
C ILE B 49 2.89 12.34 -22.40
N LEU B 50 2.99 13.05 -23.51
CA LEU B 50 3.82 14.23 -23.55
C LEU B 50 3.21 15.30 -22.63
N ALA B 51 1.89 15.44 -22.71
CA ALA B 51 1.16 16.33 -21.80
C ALA B 51 1.54 16.06 -20.34
N ILE B 52 1.74 14.79 -20.01
CA ILE B 52 2.16 14.38 -18.66
C ILE B 52 3.60 14.77 -18.38
N VAL B 53 4.51 14.34 -19.25
CA VAL B 53 5.95 14.54 -19.02
C VAL B 53 6.30 16.02 -19.07
N PHE B 54 5.60 16.77 -19.93
CA PHE B 54 5.76 18.22 -20.01
C PHE B 54 5.33 18.85 -18.70
N GLY B 55 4.06 18.64 -18.35
CA GLY B 55 3.46 19.22 -17.16
C GLY B 55 4.20 18.84 -15.89
N ASN B 56 4.19 17.56 -15.55
CA ASN B 56 4.79 17.11 -14.28
C ASN B 56 6.30 17.32 -14.24
N GLY B 57 6.92 17.42 -15.41
CA GLY B 57 8.33 17.78 -15.47
C GLY B 57 8.56 19.15 -14.87
N LEU B 58 7.67 20.09 -15.20
CA LEU B 58 7.78 21.47 -14.74
C LEU B 58 7.50 21.60 -13.23
N VAL B 59 6.68 20.70 -12.69
CA VAL B 59 6.45 20.67 -11.24
C VAL B 59 7.75 20.34 -10.52
N CYS B 60 8.52 19.41 -11.07
CA CYS B 60 9.83 19.07 -10.51
C CYS B 60 10.81 20.22 -10.76
N MET B 61 10.81 20.74 -11.97
CA MET B 61 11.66 21.87 -12.32
C MET B 61 11.36 23.10 -11.46
N ALA B 62 10.11 23.25 -11.04
CA ALA B 62 9.69 24.40 -10.25
C ALA B 62 10.16 24.27 -8.81
N VAL B 63 9.71 23.24 -8.12
CA VAL B 63 10.00 23.08 -6.70
C VAL B 63 11.51 23.05 -6.44
N LEU B 64 12.25 22.37 -7.32
CA LEU B 64 13.67 22.13 -7.07
C LEU B 64 14.57 23.30 -7.50
N LYS B 65 14.00 24.32 -8.15
CA LYS B 65 14.77 25.51 -8.52
C LYS B 65 14.46 26.71 -7.63
N GLU B 66 13.19 26.89 -7.26
CA GLU B 66 12.76 28.06 -6.46
C GLU B 66 12.73 27.73 -4.96
N ARG B 67 13.46 28.53 -4.17
CA ARG B 67 13.55 28.34 -2.71
C ARG B 67 12.22 28.62 -2.04
N ALA B 68 11.54 29.68 -2.51
CA ALA B 68 10.24 30.09 -1.96
C ALA B 68 9.11 29.05 -2.14
N LEU B 69 9.33 28.04 -3.00
CA LEU B 69 8.37 26.94 -3.20
C LEU B 69 8.81 25.62 -2.57
N GLN B 70 9.92 25.62 -1.82
CA GLN B 70 10.45 24.38 -1.23
C GLN B 70 9.76 24.02 0.10
N THR B 71 8.44 23.88 0.05
CA THR B 71 7.59 23.60 1.21
C THR B 71 7.58 22.11 1.58
N THR B 72 7.29 21.86 2.86
CA THR B 72 7.02 20.51 3.37
C THR B 72 5.95 19.77 2.53
N THR B 73 4.94 20.50 2.08
CA THR B 73 3.91 19.93 1.21
C THR B 73 4.35 19.78 -0.25
N ASN B 74 5.15 20.72 -0.74
CA ASN B 74 5.59 20.70 -2.12
C ASN B 74 6.62 19.60 -2.41
N TYR B 75 7.41 19.22 -1.41
CA TYR B 75 8.25 18.01 -1.53
C TYR B 75 7.39 16.75 -1.68
N LEU B 76 6.17 16.80 -1.14
CA LEU B 76 5.20 15.73 -1.34
C LEU B 76 4.54 15.85 -2.70
N VAL B 77 4.35 17.08 -3.16
CA VAL B 77 3.84 17.28 -4.51
C VAL B 77 4.85 16.72 -5.53
N VAL B 78 6.15 16.82 -5.21
CA VAL B 78 7.18 16.17 -6.03
C VAL B 78 7.00 14.66 -6.01
N SER B 79 6.85 14.09 -4.81
CA SER B 79 6.62 12.64 -4.69
C SER B 79 5.38 12.22 -5.46
N LEU B 80 4.36 13.07 -5.46
CA LEU B 80 3.16 12.82 -6.26
C LEU B 80 3.47 12.89 -7.75
N ALA B 81 4.08 14.00 -8.19
CA ALA B 81 4.41 14.19 -9.61
C ALA B 81 5.23 13.03 -10.19
N VAL B 82 6.27 12.60 -9.48
CA VAL B 82 7.09 11.45 -9.91
C VAL B 82 6.19 10.26 -10.25
N ALA B 83 5.31 9.90 -9.31
CA ALA B 83 4.28 8.87 -9.51
C ALA B 83 3.70 8.93 -10.90
N ASP B 84 3.38 10.14 -11.35
CA ASP B 84 2.78 10.36 -12.68
C ASP B 84 3.81 10.26 -13.79
N LEU B 85 5.01 10.80 -13.56
CA LEU B 85 6.09 10.76 -14.57
C LEU B 85 6.49 9.35 -14.93
N LEU B 86 6.38 8.43 -13.98
CA LEU B 86 6.75 7.04 -14.20
C LEU B 86 5.61 6.24 -14.85
N VAL B 87 4.37 6.65 -14.62
CA VAL B 87 3.22 6.08 -15.36
C VAL B 87 3.32 6.42 -16.85
N ALA B 88 3.57 7.68 -17.16
CA ALA B 88 3.65 8.13 -18.55
C ALA B 88 4.78 7.44 -19.31
N THR B 89 5.87 7.12 -18.60
CA THR B 89 7.05 6.57 -19.25
C THR B 89 7.14 5.04 -19.18
N LEU B 90 6.77 4.44 -18.06
CA LEU B 90 6.98 2.99 -17.89
C LEU B 90 5.74 2.16 -18.21
N VAL B 91 4.55 2.77 -18.12
CA VAL B 91 3.29 2.03 -18.24
C VAL B 91 2.54 2.38 -19.52
N MET B 92 2.27 3.67 -19.73
CA MET B 92 1.41 4.12 -20.82
C MET B 92 1.90 3.80 -22.24
N PRO B 93 3.22 3.60 -22.43
CA PRO B 93 3.64 3.05 -23.72
C PRO B 93 3.05 1.69 -24.03
N TRP B 94 3.03 0.80 -23.05
CA TRP B 94 2.48 -0.53 -23.25
C TRP B 94 0.95 -0.46 -23.36
N VAL B 95 0.31 0.46 -22.65
CA VAL B 95 -1.13 0.67 -22.77
C VAL B 95 -1.50 1.14 -24.19
N VAL B 96 -0.59 1.90 -24.81
CA VAL B 96 -0.68 2.26 -26.23
C VAL B 96 -0.59 1.02 -27.12
N TYR B 97 0.37 0.15 -26.82
CA TYR B 97 0.53 -1.12 -27.54
C TYR B 97 -0.76 -1.94 -27.43
N LEU B 98 -1.20 -2.19 -26.19
CA LEU B 98 -2.43 -2.97 -25.95
C LEU B 98 -3.67 -2.37 -26.62
N GLU B 99 -3.63 -1.07 -26.95
CA GLU B 99 -4.69 -0.43 -27.74
C GLU B 99 -4.43 -0.57 -29.24
N VAL B 100 -3.15 -0.51 -29.64
CA VAL B 100 -2.75 -0.70 -31.04
C VAL B 100 -3.24 -2.04 -31.56
N THR B 101 -2.79 -3.13 -30.95
CA THR B 101 -3.37 -4.46 -31.19
C THR B 101 -4.71 -4.50 -30.45
N GLY B 102 -5.61 -5.42 -30.84
CA GLY B 102 -6.92 -5.50 -30.21
C GLY B 102 -6.87 -6.14 -28.82
N GLY B 103 -6.06 -5.58 -27.94
CA GLY B 103 -5.88 -6.13 -26.59
C GLY B 103 -4.99 -7.35 -26.48
N VAL B 104 -4.41 -7.79 -27.59
CA VAL B 104 -3.57 -8.97 -27.61
C VAL B 104 -2.17 -8.60 -27.09
N TRP B 105 -1.59 -9.48 -26.31
CA TRP B 105 -0.28 -9.30 -25.67
C TRP B 105 0.66 -10.41 -26.09
N ASN B 106 1.66 -10.10 -26.91
CA ASN B 106 2.58 -11.11 -27.43
C ASN B 106 3.99 -11.09 -26.81
N PHE B 107 4.14 -10.43 -25.67
CA PHE B 107 5.38 -10.47 -24.90
C PHE B 107 5.31 -11.48 -23.76
N SER B 108 6.45 -11.70 -23.10
CA SER B 108 6.54 -12.66 -22.02
C SER B 108 5.50 -12.41 -20.94
N ARG B 109 5.09 -13.48 -20.27
CA ARG B 109 4.17 -13.40 -19.14
C ARG B 109 4.77 -12.61 -17.99
N ILE B 110 6.08 -12.72 -17.84
CA ILE B 110 6.83 -11.99 -16.82
C ILE B 110 6.70 -10.50 -17.08
N CYS B 111 6.90 -10.09 -18.34
CA CYS B 111 6.73 -8.69 -18.73
C CYS B 111 5.33 -8.16 -18.44
N CYS B 112 4.32 -8.99 -18.65
CA CYS B 112 2.95 -8.60 -18.29
C CYS B 112 2.84 -8.30 -16.80
N ASP B 113 3.42 -9.16 -15.97
CA ASP B 113 3.36 -8.94 -14.52
C ASP B 113 4.04 -7.63 -14.14
N VAL B 114 5.23 -7.40 -14.67
CA VAL B 114 5.96 -6.17 -14.41
C VAL B 114 5.15 -4.98 -14.90
N PHE B 115 4.55 -5.11 -16.07
CA PHE B 115 3.70 -4.03 -16.56
C PHE B 115 2.57 -3.79 -15.57
N VAL B 116 1.85 -4.84 -15.20
CA VAL B 116 0.66 -4.69 -14.38
C VAL B 116 0.95 -4.32 -12.93
N THR B 117 2.10 -4.75 -12.38
CA THR B 117 2.43 -4.39 -11.00
C THR B 117 2.93 -2.95 -10.92
N LEU B 118 3.43 -2.41 -12.03
CA LEU B 118 3.82 -1.00 -12.07
C LEU B 118 2.59 -0.11 -12.13
N ASP B 119 1.59 -0.51 -12.89
CA ASP B 119 0.37 0.26 -13.03
C ASP B 119 -0.37 0.38 -11.69
N VAL B 120 -0.41 -0.72 -10.95
CA VAL B 120 -1.03 -0.75 -9.64
C VAL B 120 -0.17 0.03 -8.66
N MET B 121 1.15 -0.11 -8.78
CA MET B 121 2.06 0.64 -7.94
C MET B 121 1.83 2.16 -8.12
N MET B 122 1.84 2.67 -9.36
CA MET B 122 1.72 4.12 -9.53
C MET B 122 0.36 4.65 -9.11
N CYS B 123 -0.70 3.87 -9.28
CA CYS B 123 -2.02 4.34 -8.81
C CYS B 123 -2.05 4.33 -7.30
N THR B 124 -1.55 3.26 -6.70
CA THR B 124 -1.47 3.19 -5.25
C THR B 124 -0.65 4.36 -4.72
N ALA B 125 0.55 4.51 -5.26
CA ALA B 125 1.46 5.58 -4.86
C ALA B 125 0.77 6.94 -4.86
N SER B 126 0.10 7.27 -5.96
CA SER B 126 -0.61 8.54 -6.06
C SER B 126 -1.57 8.74 -4.88
N ILE B 127 -2.45 7.78 -4.63
CA ILE B 127 -3.47 7.96 -3.60
C ILE B 127 -2.86 8.11 -2.21
N TRP B 128 -1.90 7.27 -1.86
CA TRP B 128 -1.31 7.38 -0.52
C TRP B 128 -0.49 8.67 -0.37
N ASN B 129 0.03 9.19 -1.47
CA ASN B 129 0.69 10.49 -1.48
C ASN B 129 -0.28 11.58 -1.11
N LEU B 130 -1.46 11.51 -1.70
CA LEU B 130 -2.54 12.45 -1.36
C LEU B 130 -2.92 12.27 0.10
N CYS B 131 -2.76 11.05 0.61
CA CYS B 131 -2.95 10.81 2.05
C CYS B 131 -1.84 11.38 2.91
N ALA B 132 -0.59 11.26 2.45
CA ALA B 132 0.51 11.93 3.12
C ALA B 132 0.20 13.42 3.23
N ILE B 133 -0.15 14.00 2.07
CA ILE B 133 -0.42 15.44 1.95
C ILE B 133 -1.53 15.90 2.88
N SER B 134 -2.62 15.15 2.95
CA SER B 134 -3.67 15.46 3.91
C SER B 134 -3.10 15.55 5.33
N ILE B 135 -2.50 14.46 5.80
CA ILE B 135 -1.88 14.39 7.12
C ILE B 135 -1.01 15.60 7.44
N ASP B 136 -0.26 16.03 6.42
CA ASP B 136 0.65 17.17 6.57
C ASP B 136 -0.07 18.49 6.78
N ARG B 137 -1.01 18.81 5.89
CA ARG B 137 -1.81 20.02 6.03
C ARG B 137 -2.48 20.04 7.40
N TYR B 138 -2.92 18.88 7.85
CA TYR B 138 -3.41 18.75 9.20
C TYR B 138 -2.33 19.20 10.17
N THR B 139 -1.13 18.63 10.06
CA THR B 139 -0.04 19.00 10.95
C THR B 139 0.28 20.50 10.91
N ALA B 140 0.24 21.11 9.73
CA ALA B 140 0.56 22.54 9.60
C ALA B 140 -0.53 23.43 10.19
N VAL B 141 -1.79 23.11 9.90
CA VAL B 141 -2.94 23.93 10.32
C VAL B 141 -3.40 23.71 11.77
N VAL B 142 -3.12 22.53 12.32
CA VAL B 142 -3.54 22.17 13.68
C VAL B 142 -2.38 22.11 14.69
N MET B 143 -1.20 21.66 14.23
CA MET B 143 -0.02 21.48 15.10
C MET B 143 1.11 22.41 14.64
N PRO B 144 0.99 23.74 14.89
CA PRO B 144 2.04 24.63 14.37
C PRO B 144 2.97 24.98 15.54
N SER B 154 15.20 18.23 10.92
CA SER B 154 14.03 18.82 11.55
C SER B 154 12.76 18.10 11.08
N SER B 155 11.76 18.87 10.64
CA SER B 155 10.50 18.31 10.11
C SER B 155 10.63 17.87 8.62
N CYS B 156 11.72 18.27 7.96
CA CYS B 156 12.04 17.83 6.59
C CYS B 156 12.44 16.35 6.57
N ARG B 157 12.74 15.80 7.74
CA ARG B 157 12.96 14.38 7.92
C ARG B 157 11.64 13.66 8.20
N ARG B 158 10.71 14.32 8.89
CA ARG B 158 9.35 13.75 9.12
C ARG B 158 8.57 13.57 7.80
N VAL B 159 8.95 14.33 6.78
CA VAL B 159 8.39 14.15 5.43
C VAL B 159 9.15 13.06 4.69
N ALA B 160 10.47 13.17 4.65
CA ALA B 160 11.32 12.20 3.95
C ALA B 160 10.97 10.75 4.28
N LEU B 161 10.69 10.48 5.56
CA LEU B 161 10.20 9.15 5.92
C LEU B 161 8.85 8.89 5.25
N MET B 162 7.88 9.78 5.48
CA MET B 162 6.54 9.63 4.89
C MET B 162 6.59 9.28 3.40
N ILE B 163 7.36 10.04 2.64
CA ILE B 163 7.52 9.79 1.21
C ILE B 163 8.01 8.38 0.96
N THR B 164 9.11 7.99 1.59
CA THR B 164 9.61 6.62 1.48
C THR B 164 8.47 5.62 1.71
N ALA B 165 7.78 5.79 2.84
CA ALA B 165 6.71 4.88 3.21
C ALA B 165 5.64 4.81 2.13
N VAL B 166 5.27 5.96 1.57
CA VAL B 166 4.31 6.01 0.44
C VAL B 166 4.77 5.13 -0.73
N TRP B 167 6.07 5.11 -0.98
CA TRP B 167 6.61 4.33 -2.08
C TRP B 167 6.85 2.88 -1.71
N VAL B 168 7.52 2.64 -0.58
CA VAL B 168 7.72 1.27 -0.11
C VAL B 168 6.40 0.54 -0.02
N LEU B 169 5.37 1.18 0.55
CA LEU B 169 4.03 0.61 0.60
C LEU B 169 3.44 0.35 -0.79
N ALA B 170 3.55 1.35 -1.67
CA ALA B 170 3.05 1.20 -3.03
C ALA B 170 3.58 -0.08 -3.66
N PHE B 171 4.83 -0.39 -3.38
CA PHE B 171 5.42 -1.62 -3.90
C PHE B 171 4.98 -2.86 -3.12
N ALA B 172 4.91 -2.74 -1.79
CA ALA B 172 4.48 -3.87 -0.93
C ALA B 172 3.10 -4.36 -1.32
N VAL B 173 2.19 -3.42 -1.60
CA VAL B 173 0.82 -3.75 -2.00
C VAL B 173 0.74 -4.44 -3.36
N SER B 174 1.67 -4.10 -4.24
CA SER B 174 1.62 -4.54 -5.62
C SER B 174 2.33 -5.87 -5.82
N CYS B 175 3.43 -6.08 -5.13
CA CYS B 175 4.30 -7.23 -5.40
C CYS B 175 3.61 -8.60 -5.47
N PRO B 176 2.44 -8.79 -4.84
CA PRO B 176 1.83 -10.10 -5.09
C PRO B 176 1.65 -10.44 -6.57
N LEU B 177 1.40 -9.43 -7.40
CA LEU B 177 1.26 -9.63 -8.85
C LEU B 177 2.54 -10.19 -9.48
N LEU B 178 3.67 -9.93 -8.83
CA LEU B 178 4.95 -10.52 -9.20
C LEU B 178 5.15 -11.94 -8.70
N PHE B 179 4.35 -12.38 -7.74
CA PHE B 179 4.46 -13.75 -7.21
C PHE B 179 3.43 -14.71 -7.79
N GLY B 180 2.72 -14.28 -8.84
CA GLY B 180 1.79 -15.15 -9.55
C GLY B 180 0.32 -14.98 -9.22
N PHE B 181 -0.03 -13.86 -8.61
CA PHE B 181 -1.43 -13.55 -8.36
C PHE B 181 -2.09 -13.03 -9.62
N ASN B 182 -1.30 -12.68 -10.65
CA ASN B 182 -1.87 -12.25 -11.94
C ASN B 182 -2.26 -13.48 -12.78
N THR B 183 -3.32 -14.14 -12.33
CA THR B 183 -3.82 -15.32 -13.00
C THR B 183 -4.84 -15.09 -14.11
N THR B 184 -4.58 -15.61 -15.31
CA THR B 184 -5.42 -15.29 -16.46
C THR B 184 -6.39 -16.33 -17.02
N GLY B 185 -5.87 -17.49 -17.41
CA GLY B 185 -6.59 -18.42 -18.30
C GLY B 185 -6.53 -18.20 -19.81
N ASP B 186 -5.94 -17.07 -20.21
CA ASP B 186 -5.71 -16.73 -21.61
C ASP B 186 -4.39 -15.97 -21.68
N PRO B 187 -3.32 -16.62 -22.17
CA PRO B 187 -2.01 -15.97 -22.12
C PRO B 187 -1.83 -14.71 -22.97
N THR B 188 -2.70 -14.48 -23.96
CA THR B 188 -2.58 -13.31 -24.85
C THR B 188 -3.28 -12.05 -24.31
N VAL B 189 -4.03 -12.19 -23.21
CA VAL B 189 -4.72 -11.07 -22.57
C VAL B 189 -3.96 -10.70 -21.30
N CYS B 190 -3.59 -9.43 -21.16
CA CYS B 190 -2.86 -8.97 -19.98
C CYS B 190 -3.66 -7.91 -19.21
N SER B 191 -4.28 -8.36 -18.13
CA SER B 191 -5.04 -7.51 -17.22
C SER B 191 -5.14 -8.23 -15.88
N ILE B 192 -5.53 -7.49 -14.84
CA ILE B 192 -5.79 -8.10 -13.52
C ILE B 192 -7.16 -8.74 -13.55
N SER B 193 -7.20 -10.07 -13.74
CA SER B 193 -8.46 -10.79 -13.83
C SER B 193 -8.83 -11.51 -12.53
N ASN B 194 -7.90 -11.61 -11.58
CA ASN B 194 -8.16 -12.38 -10.35
C ASN B 194 -9.23 -11.72 -9.48
N PRO B 195 -10.29 -12.46 -9.13
CA PRO B 195 -11.37 -11.96 -8.31
C PRO B 195 -10.97 -11.59 -6.89
N ASP B 196 -10.04 -12.31 -6.29
CA ASP B 196 -9.61 -12.00 -4.92
C ASP B 196 -8.68 -10.78 -4.90
N PHE B 197 -7.68 -10.75 -5.78
CA PHE B 197 -6.77 -9.61 -5.84
C PHE B 197 -7.46 -8.29 -6.13
N VAL B 198 -8.46 -8.29 -7.01
CA VAL B 198 -9.20 -7.07 -7.32
C VAL B 198 -9.84 -6.46 -6.05
N ILE B 199 -10.49 -7.28 -5.22
CA ILE B 199 -11.09 -6.79 -3.97
C ILE B 199 -9.99 -6.25 -3.06
N TYR B 200 -8.90 -7.01 -2.95
CA TYR B 200 -7.78 -6.59 -2.13
C TYR B 200 -7.16 -5.31 -2.65
N SER B 201 -7.06 -5.17 -3.95
CA SER B 201 -6.46 -3.95 -4.46
C SER B 201 -7.43 -2.79 -4.32
N SER B 202 -8.71 -2.99 -4.61
CA SER B 202 -9.67 -1.88 -4.54
C SER B 202 -9.79 -1.26 -3.14
N VAL B 203 -9.72 -2.10 -2.12
CA VAL B 203 -9.62 -1.61 -0.75
C VAL B 203 -8.29 -0.88 -0.50
N VAL B 204 -7.19 -1.62 -0.59
CA VAL B 204 -5.90 -1.15 -0.12
C VAL B 204 -5.23 -0.12 -1.06
N SER B 205 -5.63 -0.09 -2.33
CA SER B 205 -5.13 0.90 -3.30
C SER B 205 -6.01 2.12 -3.05
N PHE B 206 -7.30 2.05 -3.36
CA PHE B 206 -8.14 3.23 -3.20
C PHE B 206 -9.11 3.62 -2.08
N TYR B 207 -10.07 2.75 -1.79
CA TYR B 207 -11.15 3.14 -0.90
C TYR B 207 -10.70 3.45 0.53
N LEU B 208 -9.76 2.68 1.04
CA LEU B 208 -9.23 2.90 2.39
C LEU B 208 -8.44 4.23 2.43
N PRO B 209 -7.38 4.38 1.63
CA PRO B 209 -6.63 5.63 1.68
C PRO B 209 -7.38 6.86 1.20
N PHE B 210 -8.35 6.68 0.30
CA PHE B 210 -9.24 7.80 -0.05
C PHE B 210 -10.21 8.08 1.11
N GLY B 211 -10.60 7.04 1.84
CA GLY B 211 -11.42 7.23 3.02
C GLY B 211 -10.68 8.08 4.04
N VAL B 212 -9.48 7.64 4.41
CA VAL B 212 -8.70 8.32 5.45
C VAL B 212 -8.50 9.79 5.10
N THR B 213 -8.20 10.05 3.84
CA THR B 213 -7.96 11.41 3.39
C THR B 213 -9.20 12.29 3.56
N VAL B 214 -10.37 11.77 3.21
CA VAL B 214 -11.60 12.54 3.40
C VAL B 214 -11.87 12.82 4.90
N LEU B 215 -11.63 11.83 5.77
CA LEU B 215 -11.74 12.04 7.22
C LEU B 215 -10.85 13.18 7.68
N VAL B 216 -9.61 13.16 7.20
CA VAL B 216 -8.62 14.18 7.51
C VAL B 216 -9.09 15.56 7.06
N TYR B 217 -9.46 15.70 5.80
CA TYR B 217 -9.94 16.97 5.27
C TYR B 217 -11.26 17.40 5.92
N ALA B 218 -12.01 16.43 6.46
CA ALA B 218 -13.21 16.70 7.23
C ALA B 218 -12.85 17.36 8.56
N ARG B 219 -11.87 16.78 9.26
CA ARG B 219 -11.40 17.36 10.52
C ARG B 219 -10.76 18.74 10.29
N ILE B 220 -9.99 18.88 9.22
CA ILE B 220 -9.35 20.16 8.90
C ILE B 220 -10.36 21.28 8.67
N TYR B 221 -11.34 21.03 7.81
CA TYR B 221 -12.36 22.04 7.54
C TYR B 221 -13.09 22.44 8.82
N VAL B 222 -13.37 21.47 9.68
CA VAL B 222 -14.09 21.72 10.93
C VAL B 222 -13.24 22.57 11.89
N VAL B 223 -11.96 22.22 12.02
CA VAL B 223 -11.03 22.96 12.88
C VAL B 223 -10.79 24.39 12.39
N LEU B 224 -10.63 24.56 11.09
CA LEU B 224 -10.46 25.90 10.50
C LEU B 224 -11.70 26.79 10.65
N LYS B 225 -12.87 26.20 10.39
CA LYS B 225 -14.13 26.92 10.55
C LYS B 225 -14.37 27.29 12.02
N GLN B 226 -13.81 26.51 12.94
CA GLN B 226 -14.01 26.72 14.39
C GLN B 226 -12.98 27.67 15.04
N ARG B 227 -11.78 27.77 14.47
CA ARG B 227 -10.79 28.74 14.94
C ARG B 227 -11.01 30.14 14.35
N ARG B 228 -11.82 30.22 13.29
CA ARG B 228 -12.10 31.51 12.66
C ARG B 228 -12.86 32.44 13.61
N ARG B 229 -13.74 31.87 14.43
CA ARG B 229 -14.41 32.62 15.50
C ARG B 229 -13.53 32.57 16.74
N LYS B 230 -13.19 33.73 17.29
CA LYS B 230 -12.36 33.83 18.49
C LYS B 230 -12.88 34.90 19.42
N ASN B 231 -12.28 34.97 20.61
CA ASN B 231 -12.62 35.99 21.61
C ASN B 231 -11.40 36.57 22.34
N ILE B 232 -11.65 37.63 23.11
CA ILE B 232 -10.61 38.39 23.82
C ILE B 232 -9.61 37.51 24.59
N PHE B 233 -10.11 36.45 25.22
CA PHE B 233 -9.28 35.59 26.06
C PHE B 233 -8.35 34.78 25.20
N GLU B 234 -8.85 34.25 24.09
CA GLU B 234 -7.98 33.61 23.11
C GLU B 234 -7.00 34.63 22.49
N MET B 235 -7.45 35.88 22.34
CA MET B 235 -6.60 36.94 21.77
C MET B 235 -5.42 37.27 22.67
N LEU B 236 -5.69 37.47 23.95
CA LEU B 236 -4.66 37.87 24.89
C LEU B 236 -3.87 36.68 25.41
N ARG B 237 -4.39 35.46 25.28
CA ARG B 237 -3.59 34.27 25.56
C ARG B 237 -2.41 34.24 24.59
N ILE B 238 -2.69 34.54 23.32
CA ILE B 238 -1.67 34.57 22.29
C ILE B 238 -0.65 35.68 22.55
N ASP B 239 -1.16 36.87 22.88
CA ASP B 239 -0.36 38.09 22.99
C ASP B 239 0.40 38.21 24.30
N GLU B 240 -0.09 37.57 25.35
CA GLU B 240 0.56 37.61 26.67
C GLU B 240 1.24 36.29 27.05
N GLY B 241 0.71 35.17 26.59
CA GLY B 241 1.30 33.85 26.89
C GLY B 241 1.07 33.42 28.34
N LEU B 242 1.53 32.22 28.66
CA LEU B 242 1.35 31.65 29.99
C LEU B 242 2.70 31.29 30.62
N ARG B 243 2.89 31.64 31.89
CA ARG B 243 4.08 31.25 32.66
C ARG B 243 3.73 30.84 34.12
N LEU B 244 4.12 29.63 34.51
CA LEU B 244 3.70 29.04 35.80
C LEU B 244 4.42 29.59 37.05
N LYS B 245 5.73 29.80 36.95
CA LYS B 245 6.49 30.48 38.01
C LYS B 245 6.39 32.00 37.82
N ILE B 246 6.91 32.75 38.79
CA ILE B 246 6.92 34.21 38.71
C ILE B 246 8.06 34.66 37.79
N TYR B 247 7.85 35.75 37.05
CA TYR B 247 8.86 36.26 36.12
C TYR B 247 8.85 37.79 36.03
N LYS B 248 9.91 38.36 35.45
CA LYS B 248 10.02 39.79 35.21
C LYS B 248 9.48 40.13 33.82
N ASP B 249 8.54 41.06 33.74
CA ASP B 249 8.04 41.51 32.45
C ASP B 249 9.09 42.37 31.71
N THR B 250 8.71 42.97 30.58
CA THR B 250 9.63 43.80 29.77
C THR B 250 10.05 45.07 30.49
N GLU B 251 9.23 45.51 31.46
CA GLU B 251 9.51 46.69 32.28
C GLU B 251 10.26 46.34 33.58
N GLY B 252 10.55 45.06 33.79
CA GLY B 252 11.37 44.61 34.92
C GLY B 252 10.64 44.15 36.18
N TYR B 253 9.32 44.38 36.24
CA TYR B 253 8.52 44.12 37.45
C TYR B 253 8.00 42.68 37.50
N TYR B 254 7.75 42.19 38.72
CA TYR B 254 7.25 40.83 38.92
C TYR B 254 5.82 40.66 38.41
N THR B 255 5.65 39.78 37.42
CA THR B 255 4.37 39.42 36.84
C THR B 255 4.21 37.90 36.97
N ILE B 256 3.02 37.37 36.72
CA ILE B 256 2.82 35.91 36.72
C ILE B 256 1.54 35.52 35.96
N GLY B 257 1.50 34.30 35.43
CA GLY B 257 0.30 33.75 34.80
C GLY B 257 0.11 34.22 33.36
N ILE B 258 -1.05 34.82 33.08
CA ILE B 258 -1.33 35.41 31.78
C ILE B 258 -1.08 36.91 31.87
N GLY B 259 0.16 37.24 32.16
CA GLY B 259 0.59 38.62 32.26
C GLY B 259 -0.20 39.42 33.28
N HIS B 260 -0.32 38.88 34.49
CA HIS B 260 -0.86 39.61 35.63
C HIS B 260 0.29 40.18 36.45
N LEU B 261 0.30 41.50 36.63
CA LEU B 261 1.35 42.17 37.37
C LEU B 261 1.00 42.13 38.86
N LEU B 262 1.93 41.66 39.67
CA LEU B 262 1.74 41.54 41.12
C LEU B 262 2.10 42.84 41.84
N THR B 263 3.34 43.29 41.64
CA THR B 263 3.87 44.47 42.33
C THR B 263 4.95 45.14 41.49
N LYS B 264 5.17 46.43 41.73
CA LYS B 264 6.30 47.15 41.13
C LYS B 264 7.55 47.09 42.02
N SER B 265 7.39 46.53 43.23
CA SER B 265 8.47 46.43 44.21
C SER B 265 9.63 45.55 43.74
N PRO B 266 10.88 45.86 44.17
CA PRO B 266 12.04 45.08 43.73
C PRO B 266 12.25 43.75 44.47
N SER B 267 11.60 43.60 45.63
CA SER B 267 11.73 42.38 46.44
C SER B 267 10.75 41.31 45.96
N LEU B 268 11.14 40.05 46.10
CA LEU B 268 10.30 38.91 45.70
C LEU B 268 9.26 38.58 46.78
N ASN B 269 9.61 38.81 48.03
CA ASN B 269 8.69 38.58 49.16
C ASN B 269 7.47 39.50 49.14
N ALA B 270 7.60 40.64 48.45
CA ALA B 270 6.46 41.51 48.17
C ALA B 270 5.56 40.92 47.07
N ALA B 271 6.20 40.32 46.07
CA ALA B 271 5.50 39.66 44.97
C ALA B 271 4.75 38.40 45.45
N LYS B 272 5.43 37.57 46.22
CA LYS B 272 4.84 36.35 46.78
C LYS B 272 3.67 36.65 47.73
N SER B 273 3.81 37.71 48.52
CA SER B 273 2.76 38.12 49.46
C SER B 273 1.49 38.58 48.74
N GLU B 274 1.65 39.26 47.61
CA GLU B 274 0.52 39.68 46.78
C GLU B 274 -0.14 38.49 46.07
N LEU B 275 0.68 37.50 45.70
CA LEU B 275 0.20 36.30 45.03
C LEU B 275 -0.61 35.40 45.97
N ASP B 276 -0.21 35.38 47.24
CA ASP B 276 -0.91 34.61 48.28
C ASP B 276 -2.17 35.34 48.77
N LYS B 277 -2.21 36.66 48.56
CA LYS B 277 -3.38 37.47 48.89
C LYS B 277 -4.46 37.27 47.82
N ALA B 278 -4.07 37.38 46.55
CA ALA B 278 -4.98 37.21 45.42
C ALA B 278 -5.63 35.82 45.40
N ILE B 279 -4.82 34.78 45.61
CA ILE B 279 -5.31 33.40 45.64
C ILE B 279 -5.98 33.10 46.98
N GLY B 280 -5.18 33.09 48.04
CA GLY B 280 -5.66 32.73 49.38
C GLY B 280 -4.77 31.74 50.13
N ARG B 281 -3.92 31.03 49.40
CA ARG B 281 -3.07 29.96 49.98
C ARG B 281 -1.58 30.31 49.97
N ASN B 282 -0.77 29.48 50.62
CA ASN B 282 0.69 29.65 50.64
C ASN B 282 1.34 29.05 49.40
N THR B 283 1.26 29.79 48.28
CA THR B 283 1.65 29.29 46.96
C THR B 283 3.16 29.00 46.83
N ASN B 284 3.98 29.91 47.34
CA ASN B 284 5.44 29.83 47.23
C ASN B 284 5.93 30.07 45.78
N GLY B 285 5.20 30.90 45.04
CA GLY B 285 5.57 31.29 43.68
C GLY B 285 4.89 30.50 42.56
N VAL B 286 4.53 29.26 42.85
CA VAL B 286 4.00 28.35 41.83
C VAL B 286 2.46 28.31 41.82
N ILE B 287 1.89 28.24 40.62
CA ILE B 287 0.43 28.14 40.45
C ILE B 287 0.09 27.12 39.34
N THR B 288 -1.21 26.86 39.17
CA THR B 288 -1.67 25.95 38.11
C THR B 288 -2.36 26.76 37.00
N LYS B 289 -2.77 26.06 35.93
CA LYS B 289 -3.43 26.68 34.79
C LYS B 289 -4.83 27.22 35.12
N ASP B 290 -5.53 26.55 36.04
CA ASP B 290 -6.87 26.99 36.47
C ASP B 290 -6.79 28.29 37.27
N GLU B 291 -5.83 28.32 38.20
CA GLU B 291 -5.63 29.48 39.08
C GLU B 291 -5.31 30.76 38.29
N ALA B 292 -4.45 30.64 37.28
CA ALA B 292 -4.15 31.76 36.39
C ALA B 292 -5.38 32.13 35.55
N GLU B 293 -6.10 31.10 35.10
CA GLU B 293 -7.25 31.24 34.22
C GLU B 293 -8.39 32.02 34.88
N LYS B 294 -8.60 31.78 36.18
CA LYS B 294 -9.67 32.47 36.93
C LYS B 294 -9.25 33.91 37.26
N LEU B 295 -7.95 34.16 37.35
CA LEU B 295 -7.42 35.49 37.59
C LEU B 295 -7.44 36.31 36.30
N PHE B 296 -7.18 35.64 35.20
CA PHE B 296 -7.18 36.23 33.87
C PHE B 296 -8.55 36.82 33.51
N ASN B 297 -9.62 36.21 34.03
CA ASN B 297 -10.97 36.74 33.85
C ASN B 297 -11.10 38.06 34.59
N GLN B 298 -10.69 38.07 35.85
CA GLN B 298 -10.82 39.24 36.72
C GLN B 298 -10.14 40.47 36.14
N ASP B 299 -8.96 40.26 35.57
CA ASP B 299 -8.16 41.37 35.03
C ASP B 299 -8.79 41.95 33.77
N VAL B 300 -9.15 41.07 32.84
CA VAL B 300 -9.86 41.43 31.62
C VAL B 300 -11.15 42.14 31.91
N ASP B 301 -11.87 41.66 32.92
CA ASP B 301 -13.06 42.35 33.40
C ASP B 301 -12.68 43.70 33.99
N ALA B 302 -11.58 43.75 34.73
CA ALA B 302 -11.05 45.01 35.28
C ALA B 302 -10.72 45.98 34.14
N ALA B 303 -10.21 45.44 33.04
CA ALA B 303 -9.97 46.23 31.84
C ALA B 303 -11.27 46.84 31.33
N VAL B 304 -12.36 46.06 31.31
CA VAL B 304 -13.68 46.54 30.89
C VAL B 304 -14.28 47.57 31.85
N ARG B 305 -14.29 47.24 33.14
CA ARG B 305 -14.81 48.15 34.17
C ARG B 305 -14.15 49.52 34.10
N GLY B 306 -12.85 49.53 33.82
CA GLY B 306 -12.06 50.74 33.71
C GLY B 306 -12.34 51.50 32.43
N ILE B 307 -12.42 50.79 31.31
CA ILE B 307 -12.78 51.42 30.06
C ILE B 307 -14.09 52.15 30.21
N LEU B 308 -15.06 51.52 30.86
CA LEU B 308 -16.36 52.13 31.07
C LEU B 308 -16.35 53.28 32.09
N ARG B 309 -15.47 53.19 33.10
CA ARG B 309 -15.35 54.23 34.14
C ARG B 309 -14.56 55.45 33.68
N ASN B 310 -13.88 55.36 32.52
CA ASN B 310 -13.07 56.44 31.95
C ASN B 310 -13.88 57.27 30.94
N ALA B 311 -13.74 58.59 31.02
CA ALA B 311 -14.55 59.52 30.24
C ALA B 311 -14.22 59.55 28.75
N LYS B 312 -13.00 59.15 28.38
CA LYS B 312 -12.49 59.27 27.01
C LYS B 312 -12.62 57.98 26.20
N LEU B 313 -12.53 56.85 26.88
CA LEU B 313 -12.57 55.52 26.24
C LEU B 313 -13.98 54.92 26.15
N LYS B 314 -14.87 55.28 27.08
CA LYS B 314 -16.24 54.76 27.07
C LYS B 314 -16.99 55.06 25.75
N PRO B 315 -17.05 56.33 25.33
CA PRO B 315 -17.77 56.64 24.09
C PRO B 315 -17.26 55.83 22.89
N VAL B 316 -15.94 55.65 22.81
CA VAL B 316 -15.30 54.89 21.74
C VAL B 316 -15.74 53.44 21.79
N TYR B 317 -15.54 52.80 22.94
CA TYR B 317 -15.90 51.39 23.19
C TYR B 317 -17.32 51.09 22.71
N ASP B 318 -18.27 51.88 23.20
CA ASP B 318 -19.68 51.74 22.82
C ASP B 318 -19.85 51.65 21.29
N SER B 319 -19.18 52.55 20.58
CA SER B 319 -19.31 52.64 19.11
C SER B 319 -18.75 51.42 18.35
N LEU B 320 -17.90 50.62 19.01
CA LEU B 320 -17.17 49.55 18.32
C LEU B 320 -17.93 48.21 18.35
N ASP B 321 -17.61 47.34 17.39
CA ASP B 321 -18.16 45.99 17.33
C ASP B 321 -17.34 45.03 18.20
N ALA B 322 -17.90 43.86 18.45
CA ALA B 322 -17.38 42.91 19.43
C ALA B 322 -15.90 42.58 19.25
N VAL B 323 -15.46 42.45 18.00
CA VAL B 323 -14.05 42.19 17.68
C VAL B 323 -13.17 43.39 18.01
N ARG B 324 -13.43 44.53 17.39
CA ARG B 324 -12.63 45.74 17.64
C ARG B 324 -12.60 46.09 19.13
N ARG B 325 -13.75 45.99 19.81
CA ARG B 325 -13.82 46.16 21.27
C ARG B 325 -12.82 45.27 22.02
N ALA B 326 -12.61 44.04 21.52
CA ALA B 326 -11.54 43.21 22.05
C ALA B 326 -10.22 43.95 21.85
N ALA B 327 -9.89 44.29 20.61
CA ALA B 327 -8.62 44.96 20.32
C ALA B 327 -8.34 46.10 21.28
N LEU B 328 -9.39 46.84 21.64
CA LEU B 328 -9.26 47.93 22.62
C LEU B 328 -8.87 47.37 23.99
N ILE B 329 -9.70 46.48 24.53
CA ILE B 329 -9.40 45.81 25.81
C ILE B 329 -7.98 45.26 25.83
N ASN B 330 -7.54 44.70 24.71
CA ASN B 330 -6.18 44.24 24.55
C ASN B 330 -5.21 45.36 24.85
N MET B 331 -5.40 46.50 24.19
CA MET B 331 -4.48 47.63 24.35
C MET B 331 -4.41 48.08 25.80
N VAL B 332 -5.60 48.26 26.39
CA VAL B 332 -5.73 48.58 27.81
C VAL B 332 -5.04 47.53 28.68
N PHE B 333 -5.15 46.26 28.28
CA PHE B 333 -4.56 45.15 29.02
C PHE B 333 -3.03 45.19 28.99
N GLN B 334 -2.48 45.84 27.97
CA GLN B 334 -1.04 46.05 27.91
C GLN B 334 -0.63 47.28 28.71
N MET B 335 -1.27 48.41 28.40
CA MET B 335 -0.80 49.75 28.83
C MET B 335 -1.59 50.43 29.97
N GLY B 336 -2.60 49.78 30.50
CA GLY B 336 -3.46 50.41 31.52
C GLY B 336 -4.32 51.51 30.94
N GLU B 337 -5.40 51.82 31.64
CA GLU B 337 -6.45 52.71 31.14
C GLU B 337 -5.96 54.10 30.70
N THR B 338 -5.29 54.83 31.59
CA THR B 338 -4.86 56.20 31.30
C THR B 338 -3.77 56.31 30.23
N GLY B 339 -3.03 55.23 29.99
CA GLY B 339 -1.98 55.23 28.96
C GLY B 339 -2.56 55.14 27.56
N VAL B 340 -3.68 54.43 27.43
CA VAL B 340 -4.38 54.28 26.16
C VAL B 340 -5.27 55.49 25.85
N ALA B 341 -5.80 56.13 26.89
CA ALA B 341 -6.67 57.29 26.73
C ALA B 341 -5.89 58.52 26.25
N GLY B 342 -4.57 58.46 26.31
CA GLY B 342 -3.73 59.47 25.70
C GLY B 342 -3.78 59.48 24.18
N PHE B 343 -4.33 58.42 23.58
CA PHE B 343 -4.39 58.32 22.11
C PHE B 343 -5.66 58.98 21.59
N THR B 344 -5.76 60.31 21.74
CA THR B 344 -7.00 61.05 21.41
C THR B 344 -7.25 61.09 19.92
N ASN B 345 -6.20 61.45 19.17
CA ASN B 345 -6.28 61.55 17.71
C ASN B 345 -6.84 60.29 17.09
N SER B 346 -6.26 59.15 17.44
CA SER B 346 -6.73 57.87 16.91
C SER B 346 -8.11 57.50 17.46
N LEU B 347 -8.35 57.73 18.76
CA LEU B 347 -9.64 57.36 19.39
C LEU B 347 -10.81 58.10 18.78
N ARG B 348 -10.55 59.31 18.30
CA ARG B 348 -11.56 60.09 17.60
C ARG B 348 -11.85 59.47 16.23
N MET B 349 -10.83 58.89 15.60
CA MET B 349 -10.99 58.25 14.28
C MET B 349 -11.68 56.90 14.39
N LEU B 350 -11.37 56.13 15.44
CA LEU B 350 -12.05 54.84 15.65
C LEU B 350 -13.54 55.07 15.85
N GLN B 351 -13.86 56.07 16.68
CA GLN B 351 -15.24 56.49 16.94
C GLN B 351 -15.91 57.09 15.69
N GLN B 352 -15.12 57.67 14.80
CA GLN B 352 -15.62 58.15 13.50
C GLN B 352 -15.66 57.03 12.44
N LYS B 353 -15.42 55.79 12.85
CA LYS B 353 -15.45 54.65 11.94
C LYS B 353 -14.36 54.73 10.85
N ARG B 354 -13.35 55.57 11.06
CA ARG B 354 -12.26 55.75 10.10
C ARG B 354 -11.16 54.75 10.38
N TRP B 355 -11.34 53.51 9.93
CA TRP B 355 -10.45 52.40 10.29
C TRP B 355 -9.05 52.54 9.66
N ASP B 356 -9.01 52.73 8.34
CA ASP B 356 -7.73 52.83 7.62
C ASP B 356 -6.87 54.01 8.07
N GLU B 357 -7.51 55.08 8.55
CA GLU B 357 -6.78 56.28 8.99
C GLU B 357 -6.14 56.09 10.36
N ALA B 358 -6.86 55.43 11.26
CA ALA B 358 -6.37 55.20 12.63
C ALA B 358 -5.35 54.06 12.72
N ALA B 359 -5.32 53.19 11.72
CA ALA B 359 -4.32 52.12 11.65
C ALA B 359 -2.95 52.65 11.20
N VAL B 360 -2.99 53.65 10.32
CA VAL B 360 -1.79 54.34 9.85
C VAL B 360 -1.31 55.34 10.90
N ASN B 361 -2.26 55.94 11.63
CA ASN B 361 -1.93 56.90 12.68
C ASN B 361 -1.32 56.22 13.93
N LEU B 362 -1.70 54.97 14.17
CA LEU B 362 -1.15 54.18 15.29
C LEU B 362 0.16 53.47 14.95
N ALA B 363 0.54 53.47 13.67
CA ALA B 363 1.84 52.95 13.25
C ALA B 363 2.99 53.87 13.67
N LYS B 364 2.65 55.10 14.06
CA LYS B 364 3.64 56.10 14.44
C LYS B 364 4.02 56.09 15.93
N SER B 365 3.13 55.58 16.79
CA SER B 365 3.29 55.75 18.24
C SER B 365 4.47 54.99 18.87
N ARG B 366 4.67 55.23 20.17
CA ARG B 366 5.76 54.61 20.95
C ARG B 366 5.48 53.14 21.23
N TRP B 367 4.22 52.85 21.55
CA TRP B 367 3.71 51.48 21.75
C TRP B 367 4.06 50.52 20.60
N TYR B 368 4.13 51.06 19.38
CA TYR B 368 4.53 50.28 18.21
C TYR B 368 6.02 49.95 18.27
N ASN B 369 6.88 50.94 18.48
CA ASN B 369 8.33 50.71 18.47
C ASN B 369 8.86 49.80 19.60
N GLN B 370 8.05 49.58 20.64
CA GLN B 370 8.43 48.69 21.75
C GLN B 370 7.90 47.27 21.54
N THR B 371 6.69 47.15 21.01
CA THR B 371 6.05 45.86 20.75
C THR B 371 5.49 45.84 19.32
N PRO B 372 6.38 45.77 18.30
CA PRO B 372 5.96 45.96 16.90
C PRO B 372 5.18 44.79 16.31
N ASN B 373 5.34 43.60 16.88
CA ASN B 373 4.57 42.43 16.47
C ASN B 373 3.18 42.44 17.07
N ARG B 374 3.08 42.72 18.36
CA ARG B 374 1.78 42.79 19.00
C ARG B 374 0.94 43.90 18.37
N ALA B 375 1.55 45.08 18.21
CA ALA B 375 0.84 46.24 17.67
C ALA B 375 0.38 45.98 16.24
N LYS B 376 1.20 45.28 15.46
CA LYS B 376 0.81 44.87 14.11
C LYS B 376 -0.48 44.06 14.13
N ARG B 377 -0.60 43.16 15.10
CA ARG B 377 -1.79 42.33 15.25
C ARG B 377 -3.01 43.09 15.77
N VAL B 378 -2.80 44.00 16.70
CA VAL B 378 -3.90 44.79 17.28
C VAL B 378 -4.46 45.78 16.25
N ILE B 379 -3.56 46.42 15.49
CA ILE B 379 -3.92 47.40 14.46
C ILE B 379 -4.77 46.78 13.35
N THR B 380 -4.32 45.63 12.84
CA THR B 380 -5.08 44.89 11.85
C THR B 380 -6.51 44.72 12.31
N THR B 381 -6.67 44.19 13.53
CA THR B 381 -7.99 43.87 14.08
C THR B 381 -8.95 45.06 14.09
N PHE B 382 -8.46 46.22 14.53
CA PHE B 382 -9.24 47.46 14.42
C PHE B 382 -9.58 47.71 12.94
N ARG B 383 -8.60 47.54 12.07
CA ARG B 383 -8.80 47.84 10.66
C ARG B 383 -9.84 46.93 9.99
N THR B 384 -9.71 45.61 10.19
CA THR B 384 -10.51 44.62 9.44
C THR B 384 -11.78 44.15 10.16
N GLY B 385 -11.86 44.38 11.47
CA GLY B 385 -12.95 43.84 12.26
C GLY B 385 -12.98 42.32 12.32
N THR B 386 -11.85 41.68 12.02
CA THR B 386 -11.72 40.21 11.98
C THR B 386 -10.56 39.70 12.87
N TRP B 387 -10.54 38.39 13.09
CA TRP B 387 -9.55 37.74 13.94
C TRP B 387 -8.41 37.14 13.11
N ASP B 388 -8.29 37.59 11.87
CA ASP B 388 -7.41 36.93 10.89
C ASP B 388 -5.91 37.13 11.14
N ALA B 389 -5.55 38.16 11.89
CA ALA B 389 -4.16 38.35 12.31
C ALA B 389 -3.79 37.37 13.41
N TYR B 390 -4.80 36.71 14.00
CA TYR B 390 -4.60 35.69 15.02
C TYR B 390 -5.04 34.28 14.58
N GLY B 391 -5.78 34.18 13.48
CA GLY B 391 -6.37 32.90 13.07
C GLY B 391 -5.35 31.95 12.48
N VAL B 392 -5.31 31.90 11.15
CA VAL B 392 -4.38 31.05 10.41
C VAL B 392 -3.96 31.83 9.15
N PRO B 393 -2.68 31.71 8.72
CA PRO B 393 -2.28 32.54 7.58
C PRO B 393 -3.04 32.19 6.30
N LEU B 394 -3.28 33.20 5.46
CA LEU B 394 -4.02 32.99 4.21
C LEU B 394 -3.24 32.05 3.28
N ARG B 395 -1.92 32.14 3.34
CA ARG B 395 -1.03 31.24 2.61
C ARG B 395 -1.37 29.78 2.87
N GLU B 396 -1.64 29.44 4.13
CA GLU B 396 -1.87 28.05 4.54
C GLU B 396 -3.26 27.52 4.17
N LYS B 397 -4.26 28.40 4.20
CA LYS B 397 -5.62 28.07 3.75
C LYS B 397 -5.65 27.77 2.26
N LYS B 398 -4.90 28.57 1.49
CA LYS B 398 -4.84 28.41 0.03
C LYS B 398 -4.03 27.19 -0.36
N ALA B 399 -3.09 26.78 0.50
CA ALA B 399 -2.37 25.53 0.32
C ALA B 399 -3.32 24.36 0.50
N THR B 400 -4.03 24.35 1.61
CA THR B 400 -4.95 23.25 1.94
C THR B 400 -6.18 23.19 1.05
N GLN B 401 -6.58 24.33 0.47
CA GLN B 401 -7.71 24.36 -0.45
C GLN B 401 -7.34 23.72 -1.77
N MET B 402 -6.11 23.99 -2.21
CA MET B 402 -5.62 23.46 -3.47
C MET B 402 -5.53 21.94 -3.42
N VAL B 403 -4.71 21.41 -2.51
CA VAL B 403 -4.56 19.96 -2.38
C VAL B 403 -5.85 19.23 -2.04
N ALA B 404 -6.86 19.97 -1.56
CA ALA B 404 -8.21 19.43 -1.44
C ALA B 404 -8.81 19.18 -2.82
N ILE B 405 -8.63 20.15 -3.73
CA ILE B 405 -9.05 19.96 -5.11
C ILE B 405 -8.33 18.78 -5.75
N VAL B 406 -7.01 18.74 -5.61
CA VAL B 406 -6.24 17.65 -6.20
C VAL B 406 -6.85 16.30 -5.85
N LEU B 407 -7.18 16.10 -4.58
CA LEU B 407 -7.88 14.88 -4.18
C LEU B 407 -9.14 14.70 -5.02
N GLY B 408 -9.96 15.74 -5.10
CA GLY B 408 -11.18 15.71 -5.90
C GLY B 408 -10.93 15.24 -7.32
N ALA B 409 -9.87 15.76 -7.93
CA ALA B 409 -9.47 15.37 -9.28
C ALA B 409 -9.18 13.88 -9.35
N PHE B 410 -8.55 13.36 -8.31
CA PHE B 410 -8.22 11.95 -8.29
C PHE B 410 -9.46 11.08 -8.22
N ILE B 411 -10.34 11.38 -7.27
CA ILE B 411 -11.52 10.55 -7.04
C ILE B 411 -12.48 10.59 -8.22
N VAL B 412 -12.67 11.78 -8.82
CA VAL B 412 -13.52 11.92 -9.99
C VAL B 412 -13.03 11.06 -11.15
N CYS B 413 -11.72 11.09 -11.38
CA CYS B 413 -11.11 10.41 -12.53
C CYS B 413 -10.95 8.91 -12.36
N TRP B 414 -10.58 8.48 -11.15
CA TRP B 414 -10.35 7.06 -10.88
C TRP B 414 -11.56 6.29 -10.38
N LEU B 415 -12.54 6.96 -9.80
CA LEU B 415 -13.74 6.26 -9.30
C LEU B 415 -14.47 5.46 -10.40
N PRO B 416 -14.70 6.08 -11.57
CA PRO B 416 -15.36 5.37 -12.67
C PRO B 416 -14.76 4.01 -12.94
N PHE B 417 -13.43 3.96 -13.02
CA PHE B 417 -12.71 2.71 -13.23
C PHE B 417 -12.96 1.70 -12.12
N PHE B 418 -12.78 2.11 -10.86
CA PHE B 418 -12.89 1.17 -9.73
C PHE B 418 -14.28 0.56 -9.58
N LEU B 419 -15.29 1.28 -10.06
CA LEU B 419 -16.68 0.81 -10.04
C LEU B 419 -16.95 -0.15 -11.19
N THR B 420 -16.45 0.18 -12.38
CA THR B 420 -16.66 -0.66 -13.55
C THR B 420 -15.80 -1.94 -13.52
N HIS B 421 -14.48 -1.79 -13.49
CA HIS B 421 -13.55 -2.95 -13.47
C HIS B 421 -13.99 -3.98 -12.42
N VAL B 422 -14.26 -3.51 -11.21
CA VAL B 422 -14.65 -4.41 -10.12
C VAL B 422 -15.99 -5.06 -10.41
N LEU B 423 -16.92 -4.30 -10.98
CA LEU B 423 -18.24 -4.82 -11.34
C LEU B 423 -18.09 -5.87 -12.45
N ASN B 424 -17.41 -5.46 -13.52
CA ASN B 424 -17.13 -6.30 -14.69
C ASN B 424 -16.52 -7.68 -14.37
N THR B 425 -15.82 -7.80 -13.24
CA THR B 425 -15.11 -9.02 -12.90
C THR B 425 -15.80 -9.85 -11.81
N HIS B 426 -16.86 -9.34 -11.19
CA HIS B 426 -17.52 -10.04 -10.08
C HIS B 426 -18.97 -10.45 -10.32
N CYS B 427 -19.66 -9.76 -11.21
CA CYS B 427 -21.07 -10.05 -11.47
C CYS B 427 -21.30 -11.01 -12.64
N GLN B 428 -20.79 -10.66 -13.81
CA GLN B 428 -20.99 -11.49 -15.01
C GLN B 428 -22.44 -11.72 -15.43
N THR B 429 -23.34 -10.83 -15.05
CA THR B 429 -24.75 -10.91 -15.46
C THR B 429 -24.90 -9.47 -15.97
N CYS B 430 -24.38 -8.50 -15.21
CA CYS B 430 -24.36 -7.11 -15.67
C CYS B 430 -23.35 -6.92 -16.81
N HIS B 431 -23.83 -7.02 -18.05
CA HIS B 431 -22.97 -6.95 -19.24
C HIS B 431 -22.45 -5.51 -19.47
N VAL B 432 -21.45 -5.11 -18.70
CA VAL B 432 -20.84 -3.77 -18.81
C VAL B 432 -20.07 -3.64 -20.12
N SER B 433 -20.34 -2.58 -20.88
CA SER B 433 -19.80 -2.44 -22.23
C SER B 433 -18.28 -2.21 -22.21
N PRO B 434 -17.54 -2.85 -23.14
CA PRO B 434 -16.09 -2.61 -23.26
C PRO B 434 -15.72 -1.26 -23.88
N GLU B 435 -16.66 -0.61 -24.58
CA GLU B 435 -16.47 0.75 -25.07
C GLU B 435 -16.30 1.71 -23.90
N LEU B 436 -17.13 1.52 -22.87
CA LEU B 436 -17.06 2.32 -21.65
C LEU B 436 -15.74 2.09 -20.91
N TYR B 437 -15.39 0.81 -20.70
CA TYR B 437 -14.17 0.44 -19.96
C TYR B 437 -12.91 1.14 -20.50
N SER B 438 -12.82 1.29 -21.82
CA SER B 438 -11.65 1.92 -22.46
C SER B 438 -11.54 3.43 -22.22
N ALA B 439 -12.64 4.06 -21.79
CA ALA B 439 -12.63 5.48 -21.42
C ALA B 439 -12.38 5.66 -19.92
N THR B 440 -13.01 4.82 -19.10
CA THR B 440 -12.79 4.84 -17.64
C THR B 440 -11.32 4.61 -17.30
N THR B 441 -10.62 3.83 -18.12
CA THR B 441 -9.18 3.68 -18.03
C THR B 441 -8.47 4.93 -18.54
N TRP B 442 -8.94 5.48 -19.66
CA TRP B 442 -8.40 6.75 -20.18
C TRP B 442 -8.49 7.82 -19.10
N LEU B 443 -9.70 8.04 -18.59
CA LEU B 443 -9.94 9.03 -17.53
C LEU B 443 -9.00 8.84 -16.34
N GLY B 444 -8.63 7.59 -16.04
CA GLY B 444 -7.64 7.30 -15.00
C GLY B 444 -6.25 7.85 -15.29
N TYR B 445 -5.88 7.87 -16.57
CA TYR B 445 -4.59 8.43 -17.00
C TYR B 445 -4.69 9.92 -17.27
N VAL B 446 -5.89 10.37 -17.63
CA VAL B 446 -6.13 11.81 -17.79
C VAL B 446 -5.72 12.53 -16.51
N ASN B 447 -6.00 11.91 -15.36
CA ASN B 447 -5.66 12.51 -14.07
C ASN B 447 -4.20 12.99 -14.00
N SER B 448 -3.29 12.14 -14.47
CA SER B 448 -1.85 12.41 -14.38
C SER B 448 -1.51 13.83 -14.82
N ALA B 449 -1.98 14.21 -16.00
CA ALA B 449 -1.66 15.52 -16.59
C ALA B 449 -2.49 16.68 -16.05
N LEU B 450 -3.46 16.39 -15.17
CA LEU B 450 -4.31 17.44 -14.58
C LEU B 450 -3.64 18.25 -13.49
N ASN B 451 -2.90 17.57 -12.62
CA ASN B 451 -2.40 18.19 -11.40
C ASN B 451 -1.57 19.45 -11.62
N PRO B 452 -0.66 19.44 -12.61
CA PRO B 452 0.08 20.67 -12.89
C PRO B 452 -0.84 21.84 -13.27
N VAL B 453 -1.93 21.54 -13.97
CA VAL B 453 -2.89 22.58 -14.38
C VAL B 453 -3.67 23.14 -13.17
N ILE B 454 -3.67 22.40 -12.07
CA ILE B 454 -4.29 22.86 -10.83
C ILE B 454 -3.31 23.73 -10.02
N TYR B 455 -2.03 23.39 -10.06
CA TYR B 455 -1.02 24.16 -9.32
C TYR B 455 -0.83 25.56 -9.90
N THR B 456 -0.89 25.66 -11.23
CA THR B 456 -0.74 26.95 -11.92
C THR B 456 -1.99 27.83 -11.80
N THR B 457 -3.11 27.22 -11.41
CA THR B 457 -4.37 27.94 -11.24
C THR B 457 -4.50 28.55 -9.83
N PHE B 458 -4.35 27.73 -8.78
CA PHE B 458 -4.65 28.17 -7.40
C PHE B 458 -3.45 28.63 -6.56
N ASN B 459 -2.24 28.23 -6.92
CA ASN B 459 -1.04 28.70 -6.21
C ASN B 459 -0.28 29.68 -7.10
N ILE B 460 -0.39 30.96 -6.72
CA ILE B 460 0.16 32.08 -7.49
C ILE B 460 1.66 31.91 -7.76
N GLU B 461 2.37 31.33 -6.78
CA GLU B 461 3.83 31.24 -6.85
C GLU B 461 4.32 30.10 -7.74
N PHE B 462 3.54 29.03 -7.87
CA PHE B 462 3.87 27.99 -8.84
C PHE B 462 3.88 28.64 -10.20
N ARG B 463 2.73 29.19 -10.60
CA ARG B 463 2.56 29.91 -11.86
C ARG B 463 3.74 30.85 -12.17
N LYS B 464 4.18 31.59 -11.16
CA LYS B 464 5.36 32.47 -11.29
C LYS B 464 6.59 31.69 -11.74
N ALA B 465 6.86 30.59 -11.04
CA ALA B 465 7.99 29.74 -11.36
C ALA B 465 7.86 29.06 -12.73
N PHE B 466 6.62 28.89 -13.19
CA PHE B 466 6.35 28.18 -14.45
C PHE B 466 6.70 29.01 -15.70
N LEU B 467 6.39 30.30 -15.66
CA LEU B 467 6.74 31.18 -16.78
C LEU B 467 8.24 31.54 -16.81
N LYS B 468 8.92 31.43 -15.68
CA LYS B 468 10.37 31.65 -15.61
C LYS B 468 11.14 30.54 -16.32
N ILE B 469 10.71 29.29 -16.10
CA ILE B 469 11.36 28.12 -16.69
C ILE B 469 11.20 28.12 -18.21
N LEU B 470 9.99 28.43 -18.67
CA LEU B 470 9.71 28.53 -20.10
C LEU B 470 10.34 29.80 -20.71
N SER B 471 11.23 29.59 -21.69
CA SER B 471 11.88 30.67 -22.43
C SER B 471 12.77 31.61 -21.59
N CYS B 472 13.19 31.15 -20.42
CA CYS B 472 14.04 31.96 -19.54
C CYS B 472 14.69 31.13 -18.44
#